data_4YS0
#
_entry.id   4YS0
#
_cell.length_a   64.404
_cell.length_b   110.160
_cell.length_c   115.863
_cell.angle_alpha   90.000
_cell.angle_beta   90.000
_cell.angle_gamma   90.000
#
_symmetry.space_group_name_H-M   'P 21 21 21'
#
loop_
_entity.id
_entity.type
_entity.pdbx_description
1 polymer 'Protein translocase subunit SecA'
2 non-polymer "ADENOSINE-5'-DIPHOSPHATE"
3 non-polymer 'MAGNESIUM ION'
4 water water
#
_entity_poly.entity_id   1
_entity_poly.type   'polypeptide(L)'
_entity_poly.pdbx_seq_one_letter_code
;MILFDKNKRILKKYAKMVSKINQIESDLRSKKNSELIRLSMVLKEKVNSFEDADEHLFEAFALVREAARRTLGMRPFDVQ
VMGGIALHEGKVAEMKTGEGKTLAATMPIYLNALIGKGVHLVTVNDYLARRDALWMGPVYLFLGLRVGVINSLGKSYEVV
WKNPDLARKAIEENWSVWPDGFNGEVLKEESMNKEAVEAFQVELKEITRKEAYLCDVTYGTNNEFGFDYLRDNLVLDYND
KVQRGHFYAIVDEADSVLIDEARTPLIISGPSKESPSVYRRFAQIAKKFVKDKDFTVDEKARTIILTEEGVAKAEKIIGV
ENLYDPGNVSLLYHLINALKALHLFKKDVDYVVMNGEVIIVDEFTGRLLPGRRYSGGLHQAIEAKEGVPIKEESITYATI
TFQNYFRMYEKLAGMTGTAKTEESEFVQVYGMEVVVIPTHKPMIRKDHDDLVFRTQKEKYEKIVEEIEKRYKKGQPVLVG
TTSIEKSELLSSMLKKKGIPHQVLNAKYHEKEAEIVAKAGQKGMVTIATNMAGRGTDIKLGPGVAELGGLCIIGTERHES
RRIDNQLRGRAGRQGDPGESIFFLSLEDDLLRIFGSEQIGKVMNILKIEEGQPIQHPMLSKLIENIQKKVEGINFSIRKT
LMEMDDVLDKQRRAVYSLRDQILLEKDYDEYLKDIFEDVVSTRVEEFCSGKNWDIESLKNSLSFFPAGLFDLDEKQFSSS
EELHDYLFNRLWEEYQRKKQEIGEDYRKVIRFLMLRIIDDHWRRYLEEVEHVKEAVQLRSYGQKDPIVEFKKETYYMFDE
MMRRINDTIANYVLRVLEHHHHHH
;
_entity_poly.pdbx_strand_id   A
#
loop_
_chem_comp.id
_chem_comp.type
_chem_comp.name
_chem_comp.formula
ADP non-polymer ADENOSINE-5'-DIPHOSPHATE 'C10 H15 N5 O10 P2'
MG non-polymer 'MAGNESIUM ION' 'Mg 2'
#
# COMPACT_ATOMS: atom_id res chain seq x y z
N ILE A 2 -1.25 27.84 13.78
CA ILE A 2 -0.34 28.50 12.84
C ILE A 2 -0.26 29.99 13.12
N LEU A 3 0.80 30.43 13.80
CA LEU A 3 0.87 31.84 14.17
C LEU A 3 1.91 32.62 13.36
N PHE A 4 2.55 31.97 12.39
CA PHE A 4 3.45 32.66 11.48
C PHE A 4 3.61 31.96 10.13
N ASP A 5 4.26 32.67 9.21
CA ASP A 5 4.58 32.14 7.86
C ASP A 5 5.69 31.11 7.94
N LYS A 6 5.30 29.84 8.14
CA LYS A 6 6.28 28.79 8.35
C LYS A 6 7.20 28.62 7.15
N ASN A 7 6.62 28.61 5.96
CA ASN A 7 7.39 28.33 4.75
C ASN A 7 8.57 29.31 4.56
N LYS A 8 8.29 30.60 4.73
CA LYS A 8 9.33 31.62 4.63
C LYS A 8 10.41 31.37 5.68
N ARG A 9 9.96 31.13 6.92
CA ARG A 9 10.86 30.85 8.05
C ARG A 9 11.84 29.73 7.74
N ILE A 10 11.30 28.65 7.20
CA ILE A 10 12.13 27.51 6.88
C ILE A 10 13.11 27.79 5.74
N LEU A 11 12.63 28.42 4.66
CA LEU A 11 13.51 28.71 3.53
C LEU A 11 14.63 29.67 3.90
N LYS A 12 14.35 30.59 4.82
CA LYS A 12 15.40 31.47 5.30
C LYS A 12 16.56 30.64 5.83
N LYS A 13 16.26 29.60 6.61
CA LYS A 13 17.30 28.71 7.09
C LYS A 13 17.93 27.88 5.98
N TYR A 14 17.10 27.27 5.13
CA TYR A 14 17.65 26.49 4.01
C TYR A 14 18.59 27.31 3.12
N ALA A 15 18.25 28.58 2.85
CA ALA A 15 19.12 29.43 2.04
C ALA A 15 20.51 29.60 2.68
N LYS A 16 20.55 29.82 3.99
CA LYS A 16 21.85 29.92 4.67
C LYS A 16 22.63 28.61 4.59
N MET A 17 21.95 27.48 4.73
CA MET A 17 22.61 26.18 4.65
C MET A 17 23.16 25.91 3.26
N VAL A 18 22.38 26.26 2.24
CA VAL A 18 22.84 26.08 0.88
C VAL A 18 24.05 26.96 0.61
N SER A 19 24.05 28.14 1.21
CA SER A 19 25.18 29.04 1.05
C SER A 19 26.44 28.38 1.63
N LYS A 20 26.32 27.73 2.78
CA LYS A 20 27.46 27.04 3.38
C LYS A 20 27.91 25.86 2.54
N ILE A 21 26.94 25.20 1.91
CA ILE A 21 27.25 24.05 1.07
C ILE A 21 27.93 24.52 -0.23
N ASN A 22 27.47 25.65 -0.73
CA ASN A 22 28.07 26.28 -1.90
C ASN A 22 29.53 26.62 -1.62
N GLN A 23 29.81 27.09 -0.41
CA GLN A 23 31.14 27.50 -0.01
C GLN A 23 32.11 26.31 0.01
N ILE A 24 31.65 25.17 0.53
CA ILE A 24 32.45 23.94 0.54
C ILE A 24 32.85 23.45 -0.85
N GLU A 25 32.12 23.87 -1.88
CA GLU A 25 32.28 23.28 -3.22
C GLU A 25 33.67 23.48 -3.81
N SER A 26 34.21 24.69 -3.62
CA SER A 26 35.54 25.05 -4.10
C SER A 26 36.56 23.99 -3.67
N ASP A 27 36.54 23.70 -2.38
CA ASP A 27 37.46 22.73 -1.80
C ASP A 27 37.31 21.35 -2.45
N LEU A 28 36.09 20.81 -2.45
CA LEU A 28 35.87 19.48 -2.99
C LEU A 28 36.17 19.39 -4.48
N ARG A 29 35.90 20.46 -5.22
CA ARG A 29 36.08 20.39 -6.66
C ARG A 29 37.55 20.21 -7.02
N SER A 30 38.43 20.67 -6.15
CA SER A 30 39.87 20.51 -6.38
C SER A 30 40.30 19.08 -6.08
N LYS A 31 39.53 18.38 -5.25
CA LYS A 31 39.95 17.05 -4.82
C LYS A 31 39.99 16.05 -5.96
N LYS A 32 40.78 15.00 -5.78
CA LYS A 32 40.76 13.87 -6.68
C LYS A 32 39.63 12.94 -6.24
N ASN A 33 39.17 12.05 -7.12
CA ASN A 33 38.12 11.07 -6.79
C ASN A 33 38.48 10.21 -5.57
N SER A 34 39.76 9.82 -5.47
CA SER A 34 40.25 9.04 -4.35
C SER A 34 40.02 9.73 -3.02
N GLU A 35 40.27 11.03 -3.00
CA GLU A 35 40.12 11.81 -1.79
C GLU A 35 38.65 11.94 -1.41
N LEU A 36 37.80 12.08 -2.41
CA LEU A 36 36.36 12.21 -2.15
C LEU A 36 35.83 10.90 -1.57
N ILE A 37 36.30 9.76 -2.07
CA ILE A 37 35.93 8.46 -1.52
C ILE A 37 36.46 8.31 -0.08
N ARG A 38 37.70 8.76 0.16
CA ARG A 38 38.23 8.74 1.52
C ARG A 38 37.38 9.61 2.46
N LEU A 39 36.90 10.76 1.97
CA LEU A 39 36.03 11.60 2.78
C LEU A 39 34.72 10.84 3.10
N SER A 40 34.22 10.11 2.12
CA SER A 40 33.02 9.28 2.29
C SER A 40 33.25 8.25 3.42
N MET A 41 34.44 7.63 3.42
CA MET A 41 34.78 6.66 4.46
C MET A 41 34.81 7.30 5.83
N VAL A 42 35.42 8.47 5.93
CA VAL A 42 35.47 9.20 7.20
C VAL A 42 34.06 9.53 7.68
N LEU A 43 33.22 10.03 6.78
CA LEU A 43 31.84 10.36 7.14
C LEU A 43 31.10 9.12 7.60
N LYS A 44 31.35 8.00 6.94
CA LYS A 44 30.80 6.71 7.39
C LYS A 44 31.09 6.48 8.88
N GLU A 45 32.34 6.63 9.26
CA GLU A 45 32.74 6.37 10.63
C GLU A 45 32.20 7.42 11.60
N LYS A 46 31.98 8.63 11.11
CA LYS A 46 31.54 9.71 11.99
C LYS A 46 30.04 9.78 12.14
N VAL A 47 29.30 9.22 11.20
CA VAL A 47 27.84 9.32 11.26
C VAL A 47 27.21 7.99 11.67
N ASN A 48 26.74 7.94 12.91
CA ASN A 48 26.08 6.73 13.42
C ASN A 48 24.73 6.99 14.07
N SER A 49 24.22 8.20 13.90
CA SER A 49 22.94 8.60 14.47
C SER A 49 22.42 9.85 13.75
N PHE A 50 21.15 10.19 13.95
CA PHE A 50 20.58 11.41 13.40
C PHE A 50 21.31 12.66 13.90
N GLU A 51 21.80 12.62 15.14
CA GLU A 51 22.56 13.75 15.68
C GLU A 51 23.87 13.97 14.94
N ASP A 52 24.57 12.88 14.63
CA ASP A 52 25.82 12.95 13.87
C ASP A 52 25.59 13.48 12.45
N ALA A 53 24.51 13.02 11.83
CA ALA A 53 24.22 13.39 10.44
C ALA A 53 24.07 14.90 10.32
N ASP A 54 23.35 15.50 11.28
CA ASP A 54 23.19 16.95 11.32
C ASP A 54 24.53 17.67 11.44
N GLU A 55 25.43 17.06 12.17
CA GLU A 55 26.75 17.64 12.36
C GLU A 55 27.54 17.66 11.05
N HIS A 56 27.30 16.69 10.18
CA HIS A 56 28.10 16.57 8.96
C HIS A 56 27.29 16.75 7.68
N LEU A 57 26.12 17.36 7.81
CA LEU A 57 25.22 17.51 6.66
C LEU A 57 25.89 18.30 5.53
N PHE A 58 26.50 19.44 5.85
CA PHE A 58 27.08 20.28 4.81
C PHE A 58 28.09 19.50 4.01
N GLU A 59 29.00 18.83 4.72
CA GLU A 59 30.01 18.01 4.08
C GLU A 59 29.39 16.92 3.21
N ALA A 60 28.43 16.19 3.77
CA ALA A 60 27.78 15.11 3.04
C ALA A 60 27.08 15.60 1.75
N PHE A 61 26.34 16.70 1.89
CA PHE A 61 25.57 17.23 0.76
C PHE A 61 26.49 17.74 -0.35
N ALA A 62 27.59 18.39 0.03
CA ALA A 62 28.53 18.92 -0.97
C ALA A 62 29.26 17.80 -1.68
N LEU A 63 29.58 16.75 -0.94
CA LEU A 63 30.21 15.54 -1.47
C LEU A 63 29.33 14.80 -2.50
N VAL A 64 28.04 14.63 -2.17
CA VAL A 64 27.10 14.02 -3.11
C VAL A 64 26.99 14.88 -4.38
N ARG A 65 26.88 16.19 -4.20
CA ARG A 65 26.81 17.11 -5.34
C ARG A 65 28.02 16.95 -6.27
N GLU A 66 29.21 16.81 -5.67
CA GLU A 66 30.42 16.55 -6.46
C GLU A 66 30.43 15.19 -7.12
N ALA A 67 30.00 14.17 -6.41
CA ALA A 67 29.92 12.83 -7.00
C ALA A 67 28.98 12.83 -8.19
N ALA A 68 27.87 13.55 -8.08
CA ALA A 68 26.88 13.59 -9.15
C ALA A 68 27.47 14.30 -10.37
N ARG A 69 28.16 15.42 -10.10
CA ARG A 69 28.80 16.20 -11.17
C ARG A 69 29.74 15.28 -11.97
N ARG A 70 30.58 14.53 -11.26
CA ARG A 70 31.60 13.70 -11.89
C ARG A 70 31.12 12.39 -12.50
N THR A 71 30.13 11.73 -11.87
CA THR A 71 29.65 10.45 -12.42
C THR A 71 28.47 10.59 -13.37
N LEU A 72 27.65 11.62 -13.19
CA LEU A 72 26.47 11.80 -14.04
C LEU A 72 26.57 13.04 -14.96
N GLY A 73 27.51 13.93 -14.69
CA GLY A 73 27.53 15.16 -15.47
C GLY A 73 26.35 16.05 -15.11
N MET A 74 25.80 15.85 -13.92
CA MET A 74 24.71 16.68 -13.41
C MET A 74 25.08 17.27 -12.06
N ARG A 75 25.09 18.60 -11.97
CA ARG A 75 25.35 19.25 -10.70
C ARG A 75 24.03 19.77 -10.08
N PRO A 76 23.62 19.20 -8.93
CA PRO A 76 22.39 19.64 -8.26
C PRO A 76 22.35 21.14 -8.10
N PHE A 77 21.26 21.72 -8.57
CA PHE A 77 21.01 23.15 -8.47
C PHE A 77 20.82 23.49 -7.02
N ASP A 78 21.00 24.75 -6.67
CA ASP A 78 20.73 25.17 -5.29
C ASP A 78 19.34 24.74 -4.81
N VAL A 79 18.32 24.83 -5.66
CA VAL A 79 16.97 24.46 -5.18
C VAL A 79 16.84 22.95 -4.93
N GLN A 80 17.63 22.15 -5.62
CA GLN A 80 17.65 20.71 -5.36
C GLN A 80 18.31 20.44 -4.00
N VAL A 81 19.38 21.16 -3.71
CA VAL A 81 19.97 21.12 -2.37
C VAL A 81 18.94 21.54 -1.32
N MET A 82 18.17 22.59 -1.58
CA MET A 82 17.14 22.98 -0.62
C MET A 82 16.10 21.88 -0.40
N GLY A 83 15.66 21.25 -1.48
CA GLY A 83 14.73 20.14 -1.37
C GLY A 83 15.32 18.97 -0.58
N GLY A 84 16.63 18.75 -0.72
CA GLY A 84 17.29 17.66 -0.03
C GLY A 84 17.30 17.85 1.48
N ILE A 85 17.37 19.11 1.90
CA ILE A 85 17.33 19.42 3.32
C ILE A 85 15.92 19.18 3.90
N ALA A 86 14.89 19.60 3.17
CA ALA A 86 13.51 19.35 3.60
C ALA A 86 13.27 17.86 3.82
N LEU A 87 13.78 17.05 2.91
CA LEU A 87 13.70 15.59 3.00
C LEU A 87 14.44 15.06 4.24
N HIS A 88 15.68 15.50 4.45
CA HIS A 88 16.41 15.13 5.64
C HIS A 88 15.67 15.54 6.93
N GLU A 89 14.93 16.65 6.90
CA GLU A 89 14.19 17.09 8.08
C GLU A 89 12.83 16.40 8.24
N GLY A 90 12.54 15.40 7.41
CA GLY A 90 11.31 14.65 7.58
C GLY A 90 10.07 15.42 7.17
N LYS A 91 10.23 16.23 6.11
CA LYS A 91 9.12 17.04 5.63
C LYS A 91 8.75 16.62 4.22
N VAL A 92 7.68 17.18 3.69
CA VAL A 92 7.43 16.96 2.30
C VAL A 92 8.05 18.11 1.49
N ALA A 93 8.99 17.79 0.61
CA ALA A 93 9.57 18.77 -0.28
C ALA A 93 8.66 18.94 -1.48
N GLU A 94 8.07 20.12 -1.63
CA GLU A 94 7.26 20.32 -2.82
C GLU A 94 8.12 20.99 -3.87
N MET A 95 8.54 20.18 -4.82
CA MET A 95 9.33 20.64 -5.95
C MET A 95 8.52 20.31 -7.19
N LYS A 96 8.29 21.30 -8.04
CA LYS A 96 7.40 21.06 -9.18
C LYS A 96 7.96 20.00 -10.13
N THR A 97 7.08 19.50 -10.99
CA THR A 97 7.45 18.51 -12.01
C THR A 97 8.61 19.04 -12.85
N GLY A 98 9.61 18.20 -13.05
CA GLY A 98 10.77 18.60 -13.83
C GLY A 98 11.86 19.33 -13.03
N GLU A 99 11.66 19.52 -11.74
CA GLU A 99 12.71 20.18 -10.94
C GLU A 99 13.86 19.27 -10.53
N GLY A 100 13.77 17.98 -10.86
CA GLY A 100 14.84 17.05 -10.54
C GLY A 100 14.78 16.51 -9.12
N LYS A 101 13.60 16.11 -8.69
CA LYS A 101 13.43 15.44 -7.39
C LYS A 101 14.27 14.16 -7.27
N THR A 102 14.38 13.41 -8.35
CA THR A 102 15.15 12.15 -8.35
C THR A 102 16.58 12.40 -7.85
N LEU A 103 17.21 13.44 -8.39
CA LEU A 103 18.58 13.81 -7.99
C LEU A 103 18.61 14.55 -6.64
N ALA A 104 17.55 15.30 -6.32
CA ALA A 104 17.57 16.03 -5.06
C ALA A 104 17.63 15.07 -3.85
N ALA A 105 17.02 13.90 -4.02
CA ALA A 105 16.91 12.94 -2.93
C ALA A 105 18.22 12.21 -2.65
N THR A 106 19.18 12.23 -3.60
CA THR A 106 20.44 11.50 -3.39
C THR A 106 21.17 12.03 -2.15
N MET A 107 21.04 13.32 -1.90
CA MET A 107 21.79 13.93 -0.80
C MET A 107 21.27 13.45 0.57
N PRO A 108 19.97 13.59 0.87
CA PRO A 108 19.56 13.07 2.17
C PRO A 108 19.65 11.55 2.23
N ILE A 109 19.48 10.88 1.09
CA ILE A 109 19.59 9.43 1.07
C ILE A 109 20.99 8.99 1.48
N TYR A 110 22.00 9.61 0.87
CA TYR A 110 23.40 9.34 1.23
C TYR A 110 23.66 9.59 2.72
N LEU A 111 23.32 10.79 3.16
CA LEU A 111 23.62 11.21 4.53
C LEU A 111 23.02 10.28 5.56
N ASN A 112 21.75 9.93 5.38
CA ASN A 112 21.10 9.09 6.36
C ASN A 112 21.47 7.62 6.19
N ALA A 113 21.87 7.22 4.99
CA ALA A 113 22.31 5.85 4.79
C ALA A 113 23.60 5.57 5.56
N LEU A 114 24.40 6.61 5.79
CA LEU A 114 25.64 6.48 6.57
C LEU A 114 25.39 5.86 7.95
N ILE A 115 24.19 6.08 8.48
CA ILE A 115 23.84 5.58 9.81
C ILE A 115 23.83 4.04 9.83
N GLY A 116 23.62 3.42 8.68
CA GLY A 116 23.81 2.00 8.52
C GLY A 116 22.59 1.18 8.86
N LYS A 117 21.43 1.85 8.91
CA LYS A 117 20.20 1.15 9.28
C LYS A 117 19.26 0.97 8.09
N GLY A 118 19.74 1.32 6.90
CA GLY A 118 18.91 1.26 5.69
C GLY A 118 18.18 2.57 5.40
N VAL A 119 17.84 2.77 4.13
CA VAL A 119 17.04 3.91 3.65
C VAL A 119 16.16 3.38 2.53
N HIS A 120 14.85 3.66 2.61
CA HIS A 120 13.93 3.22 1.56
C HIS A 120 13.46 4.40 0.68
N LEU A 121 13.72 4.28 -0.62
CA LEU A 121 13.21 5.26 -1.58
C LEU A 121 11.99 4.60 -2.22
N VAL A 122 10.82 5.15 -1.93
CA VAL A 122 9.55 4.62 -2.41
C VAL A 122 9.06 5.41 -3.63
N THR A 123 8.83 4.73 -4.74
CA THR A 123 8.15 5.39 -5.85
C THR A 123 6.96 4.52 -6.27
N VAL A 124 6.31 4.84 -7.41
CA VAL A 124 4.96 4.30 -7.63
C VAL A 124 4.82 3.07 -8.52
N ASN A 125 5.86 2.71 -9.26
CA ASN A 125 5.80 1.43 -10.00
C ASN A 125 7.18 0.82 -10.23
N ASP A 126 7.23 -0.44 -10.61
CA ASP A 126 8.50 -1.16 -10.78
C ASP A 126 9.46 -0.50 -11.77
N TYR A 127 8.93 0.02 -12.88
CA TYR A 127 9.71 0.73 -13.86
C TYR A 127 10.47 1.92 -13.24
N LEU A 128 9.76 2.77 -12.50
CA LEU A 128 10.40 3.94 -11.92
C LEU A 128 11.40 3.56 -10.84
N ALA A 129 11.12 2.51 -10.06
CA ALA A 129 12.07 2.11 -9.03
C ALA A 129 13.40 1.64 -9.67
N ARG A 130 13.33 0.79 -10.68
CA ARG A 130 14.52 0.40 -11.44
C ARG A 130 15.20 1.60 -12.07
N ARG A 131 14.42 2.44 -12.75
CA ARG A 131 14.97 3.61 -13.43
C ARG A 131 15.77 4.52 -12.49
N ASP A 132 15.17 4.92 -11.38
CA ASP A 132 15.84 5.85 -10.48
C ASP A 132 17.05 5.21 -9.80
N ALA A 133 16.96 3.93 -9.46
CA ALA A 133 18.12 3.24 -8.86
C ALA A 133 19.32 3.20 -9.84
N LEU A 134 19.06 2.89 -11.11
CA LEU A 134 20.10 2.86 -12.13
C LEU A 134 20.61 4.25 -12.51
N TRP A 135 19.69 5.21 -12.58
CA TRP A 135 20.03 6.57 -12.96
C TRP A 135 20.90 7.24 -11.89
N MET A 136 20.51 7.09 -10.62
CA MET A 136 21.27 7.67 -9.53
C MET A 136 22.41 6.76 -9.03
N GLY A 137 22.36 5.49 -9.44
CA GLY A 137 23.31 4.47 -9.00
C GLY A 137 24.79 4.86 -8.97
N PRO A 138 25.31 5.48 -10.06
CA PRO A 138 26.73 5.85 -10.06
C PRO A 138 27.13 6.73 -8.89
N VAL A 139 26.28 7.68 -8.52
CA VAL A 139 26.53 8.53 -7.36
C VAL A 139 26.74 7.69 -6.08
N TYR A 140 25.82 6.79 -5.82
CA TYR A 140 25.90 5.99 -4.60
C TYR A 140 27.11 5.06 -4.59
N LEU A 141 27.32 4.38 -5.71
CA LEU A 141 28.39 3.41 -5.84
C LEU A 141 29.76 4.10 -5.69
N PHE A 142 29.89 5.25 -6.36
CA PHE A 142 31.09 6.08 -6.29
C PHE A 142 31.46 6.33 -4.85
N LEU A 143 30.45 6.69 -4.04
CA LEU A 143 30.66 7.02 -2.64
C LEU A 143 30.66 5.79 -1.71
N GLY A 144 30.57 4.61 -2.29
CA GLY A 144 30.75 3.38 -1.51
C GLY A 144 29.51 2.77 -0.88
N LEU A 145 28.33 3.12 -1.37
CA LEU A 145 27.09 2.56 -0.84
C LEU A 145 26.58 1.43 -1.74
N ARG A 146 25.90 0.44 -1.14
CA ARG A 146 25.27 -0.60 -1.91
C ARG A 146 23.83 -0.17 -2.14
N VAL A 147 23.33 -0.41 -3.34
CA VAL A 147 21.98 0.00 -3.72
C VAL A 147 21.14 -1.20 -4.11
N GLY A 148 20.06 -1.43 -3.36
CA GLY A 148 19.11 -2.49 -3.66
C GLY A 148 17.87 -1.99 -4.40
N VAL A 149 17.23 -2.90 -5.13
CA VAL A 149 15.97 -2.61 -5.83
C VAL A 149 15.01 -3.75 -5.60
N ILE A 150 13.78 -3.44 -5.21
CA ILE A 150 12.77 -4.49 -5.10
C ILE A 150 11.64 -4.21 -6.08
N ASN A 151 11.14 -5.28 -6.68
CA ASN A 151 10.11 -5.19 -7.72
C ASN A 151 9.07 -6.27 -7.42
N SER A 152 7.97 -6.27 -8.17
CA SER A 152 6.93 -7.30 -8.01
C SER A 152 7.40 -8.63 -8.57
N LEU A 153 6.63 -9.68 -8.32
CA LEU A 153 6.93 -11.04 -8.77
C LEU A 153 8.25 -11.55 -8.20
N GLY A 154 8.63 -11.03 -7.03
CA GLY A 154 9.79 -11.51 -6.30
C GLY A 154 11.15 -11.12 -6.86
N LYS A 155 11.19 -10.17 -7.79
CA LYS A 155 12.48 -9.75 -8.35
C LYS A 155 13.18 -8.74 -7.47
N SER A 156 14.45 -9.01 -7.19
CA SER A 156 15.29 -8.20 -6.32
C SER A 156 16.63 -8.00 -7.03
N TYR A 157 17.17 -6.79 -6.98
CA TYR A 157 18.41 -6.47 -7.68
C TYR A 157 19.37 -5.68 -6.83
N GLU A 158 20.63 -5.72 -7.25
CA GLU A 158 21.61 -4.78 -6.76
C GLU A 158 22.16 -3.97 -7.94
N VAL A 159 22.37 -2.69 -7.74
CA VAL A 159 23.01 -1.89 -8.77
C VAL A 159 24.54 -2.12 -8.68
N VAL A 160 25.15 -2.49 -9.79
CA VAL A 160 26.60 -2.68 -9.85
C VAL A 160 27.16 -2.01 -11.10
N TRP A 161 28.46 -1.68 -11.07
CA TRP A 161 29.12 -1.16 -12.28
C TRP A 161 28.97 -2.14 -13.44
N LYS A 162 28.78 -1.60 -14.64
CA LYS A 162 28.67 -2.43 -15.83
C LYS A 162 30.04 -3.09 -16.10
N ASN A 163 31.10 -2.33 -15.84
CA ASN A 163 32.47 -2.80 -15.98
C ASN A 163 33.24 -2.35 -14.76
N PRO A 164 33.28 -3.20 -13.73
CA PRO A 164 33.88 -2.81 -12.45
C PRO A 164 35.35 -2.40 -12.57
N ASP A 165 36.08 -3.03 -13.49
CA ASP A 165 37.50 -2.72 -13.68
C ASP A 165 37.64 -1.31 -14.21
N LEU A 166 36.78 -0.99 -15.19
CA LEU A 166 36.83 0.30 -15.86
C LEU A 166 36.36 1.38 -14.90
N ALA A 167 35.31 1.07 -14.15
CA ALA A 167 34.86 1.98 -13.11
C ALA A 167 35.98 2.24 -12.09
N ARG A 168 36.69 1.17 -11.72
CA ARG A 168 37.76 1.26 -10.73
C ARG A 168 38.87 2.19 -11.22
N LYS A 169 39.31 1.96 -12.45
CA LYS A 169 40.27 2.85 -13.13
C LYS A 169 39.82 4.33 -13.16
N ALA A 170 38.60 4.56 -13.63
CA ALA A 170 38.03 5.92 -13.68
C ALA A 170 38.11 6.63 -12.34
N ILE A 171 37.95 5.87 -11.25
CA ILE A 171 37.98 6.44 -9.92
C ILE A 171 39.42 6.73 -9.48
N GLU A 172 40.30 5.74 -9.64
CA GLU A 172 41.68 5.87 -9.17
C GLU A 172 42.42 6.94 -9.96
N GLU A 173 42.21 6.93 -11.28
CA GLU A 173 42.61 8.05 -12.12
C GLU A 173 41.53 9.09 -11.90
N ASN A 174 41.75 10.33 -12.25
CA ASN A 174 40.81 11.33 -11.72
C ASN A 174 39.70 11.69 -12.71
N TRP A 175 39.07 10.69 -13.32
CA TRP A 175 38.11 10.93 -14.40
C TRP A 175 36.83 11.62 -13.92
N SER A 176 36.24 12.42 -14.81
CA SER A 176 34.98 13.09 -14.54
C SER A 176 34.23 13.24 -15.87
N VAL A 177 32.94 12.88 -15.88
CA VAL A 177 32.08 13.15 -17.02
C VAL A 177 32.11 14.65 -17.36
N TRP A 178 32.15 15.46 -16.31
CA TRP A 178 32.18 16.91 -16.39
C TRP A 178 33.63 17.43 -16.37
N PRO A 179 34.13 17.94 -17.51
CA PRO A 179 35.51 18.44 -17.62
C PRO A 179 35.81 19.61 -16.70
N ASP A 180 37.04 19.68 -16.19
CA ASP A 180 37.50 20.83 -15.38
C ASP A 180 37.40 22.13 -16.15
N GLY A 181 37.15 23.22 -15.44
CA GLY A 181 37.11 24.53 -16.08
C GLY A 181 35.81 24.89 -16.76
N PHE A 182 34.82 23.99 -16.72
CA PHE A 182 33.48 24.35 -17.16
C PHE A 182 32.64 24.70 -15.94
N ASN A 183 32.33 25.99 -15.81
CA ASN A 183 31.76 26.54 -14.59
C ASN A 183 30.27 26.84 -14.73
N GLY A 184 29.64 26.28 -15.76
CA GLY A 184 28.22 26.45 -15.97
C GLY A 184 27.38 25.64 -14.99
N GLU A 185 26.08 25.90 -14.98
CA GLU A 185 25.17 25.16 -14.10
C GLU A 185 24.82 23.85 -14.75
N VAL A 186 24.86 23.84 -16.08
CA VAL A 186 24.42 22.72 -16.87
C VAL A 186 25.44 22.44 -17.96
N LEU A 187 25.69 21.17 -18.21
CA LEU A 187 26.72 20.73 -19.13
C LEU A 187 26.14 20.44 -20.50
N LYS A 188 26.60 21.15 -21.52
CA LYS A 188 26.23 20.82 -22.89
C LYS A 188 26.67 19.41 -23.19
N GLU A 189 25.95 18.73 -24.08
CA GLU A 189 26.23 17.32 -24.33
C GLU A 189 27.61 17.13 -24.94
N GLU A 190 27.98 18.07 -25.81
CA GLU A 190 29.28 18.05 -26.47
C GLU A 190 30.41 17.98 -25.44
N SER A 191 30.22 18.68 -24.33
CA SER A 191 31.27 18.82 -23.33
C SER A 191 31.44 17.57 -22.47
N MET A 192 30.54 16.61 -22.59
CA MET A 192 30.64 15.42 -21.75
C MET A 192 31.80 14.54 -22.17
N ASN A 193 32.64 14.18 -21.19
CA ASN A 193 33.70 13.21 -21.44
C ASN A 193 33.10 11.80 -21.60
N LYS A 194 33.19 11.30 -22.83
CA LYS A 194 32.49 10.07 -23.19
C LYS A 194 33.12 8.84 -22.53
N GLU A 195 34.43 8.89 -22.28
CA GLU A 195 35.11 7.76 -21.64
C GLU A 195 34.62 7.62 -20.21
N ALA A 196 34.43 8.75 -19.54
CA ALA A 196 33.88 8.78 -18.18
C ALA A 196 32.43 8.27 -18.14
N VAL A 197 31.63 8.67 -19.13
CA VAL A 197 30.25 8.17 -19.24
C VAL A 197 30.24 6.66 -19.37
N GLU A 198 31.12 6.12 -20.21
CA GLU A 198 31.18 4.67 -20.36
C GLU A 198 31.63 4.00 -19.05
N ALA A 199 32.65 4.55 -18.41
CA ALA A 199 33.24 3.95 -17.21
C ALA A 199 32.25 3.85 -16.06
N PHE A 200 31.36 4.84 -15.95
CA PHE A 200 30.48 4.97 -14.81
C PHE A 200 29.09 4.41 -15.07
N GLN A 201 28.95 3.63 -16.14
CA GLN A 201 27.70 2.96 -16.44
C GLN A 201 27.37 1.89 -15.39
N VAL A 202 26.08 1.66 -15.15
CA VAL A 202 25.67 0.66 -14.18
C VAL A 202 24.63 -0.28 -14.76
N GLU A 203 24.40 -1.40 -14.07
CA GLU A 203 23.38 -2.37 -14.47
C GLU A 203 22.83 -3.10 -13.23
N LEU A 204 21.80 -3.91 -13.43
CA LEU A 204 21.24 -4.65 -12.32
C LEU A 204 21.77 -6.08 -12.31
N LYS A 205 22.11 -6.58 -11.13
CA LYS A 205 22.31 -8.03 -10.97
C LYS A 205 21.27 -8.50 -9.96
N GLU A 206 20.74 -9.70 -10.17
CA GLU A 206 19.78 -10.28 -9.22
C GLU A 206 20.42 -10.69 -7.89
N ILE A 207 19.71 -10.40 -6.81
CA ILE A 207 20.08 -10.81 -5.46
C ILE A 207 18.82 -11.31 -4.73
N THR A 208 18.97 -11.81 -3.51
CA THR A 208 17.80 -12.21 -2.73
C THR A 208 17.06 -10.97 -2.19
N ARG A 209 15.81 -11.15 -1.82
CA ARG A 209 15.01 -10.05 -1.29
C ARG A 209 15.62 -9.57 0.02
N LYS A 210 16.08 -10.50 0.85
CA LYS A 210 16.77 -10.12 2.09
C LYS A 210 17.97 -9.23 1.83
N GLU A 211 18.76 -9.58 0.83
CA GLU A 211 19.95 -8.81 0.52
C GLU A 211 19.62 -7.40 0.03
N ALA A 212 18.54 -7.28 -0.74
CA ALA A 212 18.06 -5.97 -1.17
C ALA A 212 17.82 -5.05 0.03
N TYR A 213 17.30 -5.61 1.13
CA TYR A 213 17.11 -4.80 2.35
C TYR A 213 18.40 -4.57 3.15
N LEU A 214 19.42 -5.38 2.90
CA LEU A 214 20.68 -5.20 3.62
C LEU A 214 21.60 -4.21 2.88
N CYS A 215 21.22 -3.81 1.66
CA CYS A 215 21.92 -2.72 0.97
C CYS A 215 21.73 -1.44 1.77
N ASP A 216 22.58 -0.45 1.51
CA ASP A 216 22.53 0.76 2.30
C ASP A 216 21.34 1.64 1.94
N VAL A 217 20.91 1.53 0.69
CA VAL A 217 19.70 2.19 0.22
C VAL A 217 18.93 1.14 -0.58
N THR A 218 17.60 1.15 -0.42
CA THR A 218 16.75 0.26 -1.18
C THR A 218 15.68 1.05 -1.95
N TYR A 219 15.68 0.91 -3.27
CA TYR A 219 14.67 1.50 -4.15
C TYR A 219 13.53 0.49 -4.35
N GLY A 220 12.27 0.95 -4.26
CA GLY A 220 11.15 0.05 -4.42
C GLY A 220 9.84 0.80 -4.61
N THR A 221 8.73 0.07 -4.60
CA THR A 221 7.42 0.66 -4.83
C THR A 221 6.64 0.64 -3.52
N ASN A 222 5.62 1.49 -3.40
CA ASN A 222 4.84 1.48 -2.18
C ASN A 222 4.20 0.11 -1.96
N ASN A 223 3.75 -0.52 -3.03
CA ASN A 223 3.21 -1.88 -2.90
C ASN A 223 4.24 -2.88 -2.42
N GLU A 224 5.45 -2.83 -2.94
CA GLU A 224 6.36 -3.92 -2.66
C GLU A 224 6.89 -3.83 -1.22
N PHE A 225 7.17 -2.61 -0.75
CA PHE A 225 7.59 -2.45 0.65
C PHE A 225 6.48 -2.93 1.61
N GLY A 226 5.24 -2.56 1.32
CA GLY A 226 4.14 -2.96 2.17
C GLY A 226 3.90 -4.47 2.10
N PHE A 227 3.91 -5.02 0.89
CA PHE A 227 3.75 -6.46 0.72
C PHE A 227 4.82 -7.22 1.51
N ASP A 228 6.06 -6.75 1.49
CA ASP A 228 7.12 -7.46 2.19
C ASP A 228 6.84 -7.50 3.69
N TYR A 229 6.36 -6.39 4.25
CA TYR A 229 5.98 -6.40 5.67
C TYR A 229 4.85 -7.41 5.93
N LEU A 230 3.86 -7.44 5.05
CA LEU A 230 2.76 -8.40 5.21
C LEU A 230 3.27 -9.85 5.09
N ARG A 231 4.10 -10.12 4.09
CA ARG A 231 4.64 -11.47 3.93
C ARG A 231 5.56 -11.88 5.09
N ASP A 232 6.25 -10.90 5.68
CA ASP A 232 7.07 -11.13 6.88
C ASP A 232 6.23 -11.64 8.05
N ASN A 233 4.93 -11.44 7.98
CA ASN A 233 4.04 -11.86 9.03
C ASN A 233 3.15 -13.00 8.58
N LEU A 234 3.57 -13.63 7.48
CA LEU A 234 2.95 -14.88 7.02
C LEU A 234 3.97 -16.03 7.07
N VAL A 235 5.20 -15.74 7.50
CA VAL A 235 6.27 -16.73 7.48
C VAL A 235 6.05 -17.84 8.51
N LEU A 236 6.67 -18.99 8.29
CA LEU A 236 6.59 -20.13 9.21
C LEU A 236 7.84 -20.25 10.08
N ASP A 237 8.84 -19.43 9.76
CA ASP A 237 10.12 -19.39 10.42
C ASP A 237 10.50 -17.92 10.56
N TYR A 238 10.85 -17.49 11.77
CA TYR A 238 11.21 -16.10 12.04
C TYR A 238 12.33 -15.60 11.13
N ASN A 239 13.24 -16.50 10.77
CA ASN A 239 14.41 -16.13 9.98
C ASN A 239 14.09 -15.94 8.50
N ASP A 240 12.83 -16.15 8.12
CA ASP A 240 12.41 -15.90 6.74
C ASP A 240 11.89 -14.47 6.50
N LYS A 241 11.86 -13.64 7.54
CA LYS A 241 11.46 -12.24 7.37
C LYS A 241 12.53 -11.55 6.55
N VAL A 242 12.13 -10.65 5.65
CA VAL A 242 13.12 -10.00 4.79
C VAL A 242 13.43 -8.56 5.16
N GLN A 243 12.50 -7.85 5.81
CA GLN A 243 12.79 -6.46 6.15
C GLN A 243 13.69 -6.38 7.37
N ARG A 244 14.39 -5.26 7.53
CA ARG A 244 15.13 -5.02 8.76
C ARG A 244 14.80 -3.64 9.33
N GLY A 245 13.57 -3.54 9.81
CA GLY A 245 13.10 -2.34 10.45
C GLY A 245 12.57 -1.33 9.46
N HIS A 246 12.12 -0.21 9.99
CA HIS A 246 11.65 0.89 9.17
C HIS A 246 12.33 2.14 9.69
N PHE A 247 13.48 2.45 9.11
CA PHE A 247 14.31 3.51 9.64
C PHE A 247 13.97 4.85 8.99
N TYR A 248 14.28 4.99 7.71
CA TYR A 248 14.02 6.24 6.99
C TYR A 248 13.42 5.89 5.63
N ALA A 249 12.28 6.51 5.31
CA ALA A 249 11.70 6.37 3.98
C ALA A 249 11.48 7.75 3.37
N ILE A 250 11.84 7.87 2.10
CA ILE A 250 11.48 9.01 1.30
C ILE A 250 10.48 8.51 0.26
N VAL A 251 9.29 9.10 0.27
CA VAL A 251 8.22 8.73 -0.65
C VAL A 251 8.17 9.73 -1.78
N ASP A 252 8.70 9.32 -2.93
CA ASP A 252 8.55 10.05 -4.20
C ASP A 252 7.06 10.04 -4.61
N GLU A 253 6.63 10.99 -5.44
CA GLU A 253 5.20 11.13 -5.80
C GLU A 253 4.34 11.05 -4.53
N ALA A 254 4.73 11.81 -3.51
CA ALA A 254 4.24 11.61 -2.15
C ALA A 254 2.71 11.68 -2.04
N ASP A 255 2.06 12.61 -2.74
CA ASP A 255 0.60 12.67 -2.63
C ASP A 255 -0.09 11.49 -3.31
N SER A 256 0.46 11.00 -4.42
CA SER A 256 -0.07 9.82 -5.10
C SER A 256 -0.06 8.60 -4.17
N VAL A 257 1.06 8.38 -3.49
CA VAL A 257 1.21 7.25 -2.58
C VAL A 257 0.48 7.47 -1.27
N LEU A 258 0.71 8.61 -0.62
CA LEU A 258 0.26 8.80 0.74
C LEU A 258 -1.18 9.28 0.85
N ILE A 259 -1.74 9.81 -0.24
CA ILE A 259 -3.15 10.18 -0.19
C ILE A 259 -3.96 9.32 -1.13
N ASP A 260 -3.63 9.35 -2.44
CA ASP A 260 -4.52 8.70 -3.41
C ASP A 260 -4.49 7.17 -3.34
N GLU A 261 -3.32 6.57 -3.43
CA GLU A 261 -3.19 5.12 -3.30
C GLU A 261 -3.60 4.64 -1.90
N ALA A 262 -3.49 5.52 -0.92
CA ALA A 262 -3.78 5.18 0.47
C ALA A 262 -5.27 5.18 0.76
N ARG A 263 -6.09 5.46 -0.25
CA ARG A 263 -7.53 5.49 -0.05
C ARG A 263 -8.05 4.09 0.16
N THR A 264 -7.33 3.10 -0.37
CA THR A 264 -7.71 1.71 -0.12
C THR A 264 -6.59 0.93 0.57
N PRO A 265 -6.95 -0.11 1.32
CA PRO A 265 -5.92 -0.84 2.07
C PRO A 265 -5.05 -1.68 1.13
N LEU A 266 -3.82 -1.89 1.52
CA LEU A 266 -2.99 -2.84 0.82
C LEU A 266 -3.39 -4.24 1.25
N ILE A 267 -3.65 -5.10 0.28
CA ILE A 267 -4.09 -6.47 0.57
C ILE A 267 -3.25 -7.53 -0.14
N ILE A 268 -2.77 -8.50 0.62
CA ILE A 268 -2.09 -9.64 0.05
C ILE A 268 -3.09 -10.76 -0.18
N SER A 269 -3.19 -11.21 -1.43
CA SER A 269 -4.09 -12.31 -1.75
C SER A 269 -3.45 -13.30 -2.69
N GLY A 270 -4.12 -14.43 -2.88
CA GLY A 270 -3.61 -15.48 -3.76
C GLY A 270 -4.73 -16.39 -4.20
N PRO A 271 -4.45 -17.25 -5.21
CA PRO A 271 -5.43 -18.22 -5.71
C PRO A 271 -5.81 -19.21 -4.63
N SER A 272 -7.07 -19.64 -4.58
CA SER A 272 -7.48 -20.64 -3.59
C SER A 272 -6.93 -22.02 -3.93
N LYS A 273 -6.71 -22.26 -5.23
CA LYS A 273 -6.23 -23.53 -5.77
C LYS A 273 -7.09 -24.75 -5.40
N GLU A 274 -8.33 -24.50 -5.00
CA GLU A 274 -9.29 -25.55 -4.71
C GLU A 274 -10.22 -25.79 -5.89
N SER A 275 -10.31 -27.04 -6.33
CA SER A 275 -11.28 -27.38 -7.34
C SER A 275 -12.70 -27.19 -6.80
N PRO A 276 -13.60 -26.65 -7.62
CA PRO A 276 -15.01 -26.62 -7.23
C PRO A 276 -15.54 -28.01 -6.93
N SER A 277 -14.92 -29.04 -7.52
CA SER A 277 -15.39 -30.40 -7.33
C SER A 277 -15.21 -30.87 -5.88
N VAL A 278 -14.16 -30.41 -5.20
CA VAL A 278 -14.00 -30.84 -3.80
C VAL A 278 -15.14 -30.26 -2.93
N TYR A 279 -15.58 -29.05 -3.22
CA TYR A 279 -16.75 -28.50 -2.55
C TYR A 279 -18.01 -29.35 -2.79
N ARG A 280 -18.23 -29.75 -4.04
CA ARG A 280 -19.42 -30.55 -4.35
C ARG A 280 -19.30 -31.93 -3.74
N ARG A 281 -18.08 -32.45 -3.68
CA ARG A 281 -17.88 -33.73 -2.98
C ARG A 281 -18.24 -33.63 -1.49
N PHE A 282 -17.83 -32.56 -0.81
CA PHE A 282 -18.15 -32.45 0.61
C PHE A 282 -19.62 -32.12 0.87
N ALA A 283 -20.26 -31.48 -0.11
CA ALA A 283 -21.72 -31.27 -0.03
C ALA A 283 -22.42 -32.63 0.01
N GLN A 284 -21.90 -33.56 -0.77
CA GLN A 284 -22.39 -34.93 -0.80
C GLN A 284 -22.06 -35.68 0.50
N ILE A 285 -20.81 -35.60 0.92
CA ILE A 285 -20.38 -36.24 2.16
C ILE A 285 -21.20 -35.73 3.34
N ALA A 286 -21.49 -34.43 3.35
CA ALA A 286 -22.22 -33.82 4.45
C ALA A 286 -23.60 -34.45 4.65
N LYS A 287 -24.25 -34.86 3.58
CA LYS A 287 -25.61 -35.42 3.66
C LYS A 287 -25.66 -36.79 4.36
N LYS A 288 -24.51 -37.43 4.55
CA LYS A 288 -24.47 -38.74 5.17
C LYS A 288 -24.28 -38.67 6.68
N PHE A 289 -24.19 -37.45 7.19
CA PHE A 289 -23.98 -37.23 8.61
C PHE A 289 -25.31 -37.05 9.36
N VAL A 290 -25.46 -37.80 10.45
CA VAL A 290 -26.69 -37.79 11.22
C VAL A 290 -26.61 -36.81 12.40
N LYS A 291 -27.51 -35.85 12.42
CA LYS A 291 -27.56 -34.88 13.50
C LYS A 291 -27.77 -35.59 14.83
N ASP A 292 -27.09 -35.09 15.85
CA ASP A 292 -27.15 -35.62 17.21
C ASP A 292 -26.64 -37.07 17.32
N LYS A 293 -26.02 -37.56 16.24
CA LYS A 293 -25.26 -38.80 16.33
C LYS A 293 -23.82 -38.57 15.87
N ASP A 294 -23.67 -38.06 14.65
CA ASP A 294 -22.34 -37.78 14.09
C ASP A 294 -21.88 -36.37 14.44
N PHE A 295 -22.82 -35.51 14.81
CA PHE A 295 -22.47 -34.14 15.17
C PHE A 295 -23.57 -33.50 15.96
N THR A 296 -23.28 -32.35 16.53
CA THR A 296 -24.29 -31.57 17.20
C THR A 296 -24.19 -30.14 16.71
N VAL A 297 -25.30 -29.43 16.75
CA VAL A 297 -25.37 -28.06 16.28
C VAL A 297 -25.55 -27.14 17.48
N ASP A 298 -24.68 -26.14 17.60
CA ASP A 298 -24.83 -25.10 18.60
C ASP A 298 -25.44 -23.86 17.92
N GLU A 299 -26.76 -23.71 18.04
CA GLU A 299 -27.48 -22.65 17.35
C GLU A 299 -27.16 -21.27 17.91
N LYS A 300 -26.72 -21.20 19.16
CA LYS A 300 -26.31 -19.95 19.79
C LYS A 300 -24.95 -19.50 19.24
N ALA A 301 -24.00 -20.41 19.27
CA ALA A 301 -22.64 -20.13 18.80
C ALA A 301 -22.53 -20.30 17.29
N ARG A 302 -23.55 -20.90 16.70
CA ARG A 302 -23.60 -21.12 15.25
C ARG A 302 -22.42 -21.98 14.83
N THR A 303 -22.24 -23.08 15.54
CA THR A 303 -21.09 -23.94 15.31
C THR A 303 -21.51 -25.38 15.11
N ILE A 304 -20.62 -26.14 14.48
CA ILE A 304 -20.83 -27.57 14.33
C ILE A 304 -19.77 -28.28 15.15
N ILE A 305 -20.17 -29.31 15.87
CA ILE A 305 -19.26 -30.09 16.70
C ILE A 305 -19.37 -31.56 16.34
N LEU A 306 -18.28 -32.13 15.86
CA LEU A 306 -18.30 -33.55 15.50
C LEU A 306 -18.19 -34.43 16.75
N THR A 307 -19.05 -35.44 16.85
CA THR A 307 -18.94 -36.43 17.92
C THR A 307 -17.88 -37.46 17.54
N GLU A 308 -17.52 -38.31 18.51
CA GLU A 308 -16.60 -39.42 18.30
C GLU A 308 -16.96 -40.23 17.07
N GLU A 309 -18.24 -40.58 16.96
CA GLU A 309 -18.67 -41.42 15.86
C GLU A 309 -18.63 -40.63 14.56
N GLY A 310 -18.89 -39.33 14.66
CA GLY A 310 -18.80 -38.43 13.52
C GLY A 310 -17.40 -38.38 12.94
N VAL A 311 -16.38 -38.14 13.77
CA VAL A 311 -15.06 -38.04 13.19
C VAL A 311 -14.64 -39.44 12.67
N ALA A 312 -15.12 -40.50 13.33
CA ALA A 312 -14.84 -41.85 12.86
C ALA A 312 -15.42 -42.07 11.46
N LYS A 313 -16.68 -41.66 11.28
CA LYS A 313 -17.32 -41.73 9.96
C LYS A 313 -16.59 -40.85 8.93
N ALA A 314 -16.16 -39.67 9.37
CA ALA A 314 -15.43 -38.74 8.50
C ALA A 314 -14.16 -39.39 7.97
N GLU A 315 -13.42 -40.04 8.86
CA GLU A 315 -12.13 -40.65 8.52
C GLU A 315 -12.30 -41.83 7.58
N LYS A 316 -13.39 -42.56 7.76
CA LYS A 316 -13.69 -43.73 6.93
C LYS A 316 -14.07 -43.30 5.51
N ILE A 317 -14.86 -42.25 5.38
CA ILE A 317 -15.31 -41.79 4.08
C ILE A 317 -14.17 -41.10 3.31
N ILE A 318 -13.36 -40.29 3.98
CA ILE A 318 -12.50 -39.33 3.27
C ILE A 318 -11.28 -39.82 2.42
N GLY A 319 -10.42 -40.76 2.85
CA GLY A 319 -10.40 -41.44 4.12
C GLY A 319 -8.97 -41.46 4.68
N VAL A 320 -8.84 -40.97 5.90
CA VAL A 320 -7.55 -40.74 6.54
C VAL A 320 -7.52 -41.41 7.90
N GLU A 321 -6.34 -41.50 8.49
CA GLU A 321 -6.19 -42.12 9.81
C GLU A 321 -6.69 -41.18 10.92
N ASN A 322 -6.39 -39.89 10.80
CA ASN A 322 -6.80 -38.92 11.80
C ASN A 322 -7.16 -37.58 11.16
N LEU A 323 -8.45 -37.25 11.25
CA LEU A 323 -8.99 -36.05 10.63
C LEU A 323 -8.30 -34.80 11.18
N TYR A 324 -7.73 -34.91 12.38
CA TYR A 324 -7.06 -33.77 13.01
C TYR A 324 -5.54 -33.72 12.80
N ASP A 325 -5.00 -34.56 11.93
CA ASP A 325 -3.58 -34.50 11.60
C ASP A 325 -3.27 -33.24 10.79
N PRO A 326 -2.02 -32.75 10.90
CA PRO A 326 -1.69 -31.43 10.33
C PRO A 326 -1.89 -31.36 8.82
N GLY A 327 -1.66 -32.46 8.13
CA GLY A 327 -1.84 -32.46 6.69
C GLY A 327 -3.30 -32.46 6.27
N ASN A 328 -4.20 -32.66 7.24
CA ASN A 328 -5.63 -32.85 6.96
C ASN A 328 -6.49 -31.64 7.31
N VAL A 329 -5.84 -30.51 7.59
CA VAL A 329 -6.54 -29.32 8.06
C VAL A 329 -7.62 -28.86 7.06
N SER A 330 -7.31 -28.90 5.78
CA SER A 330 -8.25 -28.51 4.72
C SER A 330 -9.47 -29.41 4.64
N LEU A 331 -9.28 -30.69 4.90
CA LEU A 331 -10.36 -31.65 4.80
C LEU A 331 -11.32 -31.47 5.96
N LEU A 332 -10.78 -31.21 7.14
CA LEU A 332 -11.60 -30.92 8.30
C LEU A 332 -12.40 -29.65 8.05
N TYR A 333 -11.70 -28.62 7.57
CA TYR A 333 -12.28 -27.33 7.21
C TYR A 333 -13.46 -27.48 6.24
N HIS A 334 -13.23 -28.23 5.17
CA HIS A 334 -14.28 -28.52 4.19
C HIS A 334 -15.50 -29.21 4.76
N LEU A 335 -15.28 -30.21 5.62
CA LEU A 335 -16.39 -30.94 6.22
C LEU A 335 -17.23 -30.03 7.13
N ILE A 336 -16.57 -29.21 7.95
CA ILE A 336 -17.29 -28.30 8.82
C ILE A 336 -18.07 -27.26 8.02
N ASN A 337 -17.42 -26.68 7.03
CA ASN A 337 -18.08 -25.74 6.13
C ASN A 337 -19.34 -26.33 5.49
N ALA A 338 -19.26 -27.58 5.03
CA ALA A 338 -20.38 -28.20 4.34
C ALA A 338 -21.51 -28.54 5.31
N LEU A 339 -21.14 -28.92 6.54
CA LEU A 339 -22.15 -29.24 7.55
C LEU A 339 -22.82 -27.98 8.03
N LYS A 340 -22.02 -26.92 8.14
CA LYS A 340 -22.51 -25.60 8.53
C LYS A 340 -23.48 -25.05 7.48
N ALA A 341 -23.04 -25.05 6.22
CA ALA A 341 -23.90 -24.64 5.10
C ALA A 341 -25.24 -25.39 5.11
N LEU A 342 -25.19 -26.69 5.40
CA LEU A 342 -26.37 -27.53 5.33
C LEU A 342 -27.31 -27.30 6.51
N HIS A 343 -26.75 -27.14 7.72
CA HIS A 343 -27.56 -27.17 8.93
C HIS A 343 -27.71 -25.82 9.63
N LEU A 344 -26.81 -24.87 9.35
CA LEU A 344 -26.87 -23.58 10.05
C LEU A 344 -27.26 -22.44 9.12
N PHE A 345 -27.33 -22.72 7.83
CA PHE A 345 -27.72 -21.70 6.87
C PHE A 345 -28.90 -22.18 6.06
N LYS A 346 -29.97 -21.40 6.09
CA LYS A 346 -31.24 -21.82 5.51
C LYS A 346 -31.67 -20.90 4.38
N LYS A 347 -32.10 -21.51 3.28
CA LYS A 347 -32.60 -20.76 2.12
C LYS A 347 -33.88 -20.00 2.48
N ASP A 348 -33.95 -18.74 2.06
CA ASP A 348 -35.08 -17.82 2.28
C ASP A 348 -35.13 -17.31 3.72
N VAL A 349 -33.98 -17.37 4.38
CA VAL A 349 -33.81 -16.78 5.70
C VAL A 349 -32.50 -16.05 5.78
N ASP A 350 -31.40 -16.80 5.70
CA ASP A 350 -30.06 -16.22 5.72
C ASP A 350 -29.58 -15.84 4.32
N TYR A 351 -30.08 -16.55 3.32
CA TYR A 351 -29.69 -16.32 1.94
C TYR A 351 -30.81 -16.74 1.00
N VAL A 352 -30.70 -16.35 -0.26
CA VAL A 352 -31.64 -16.78 -1.28
C VAL A 352 -30.91 -17.23 -2.53
N VAL A 353 -31.59 -18.05 -3.32
CA VAL A 353 -31.06 -18.51 -4.60
C VAL A 353 -31.88 -17.89 -5.73
N MET A 354 -31.52 -16.67 -6.12
CA MET A 354 -32.15 -16.06 -7.28
C MET A 354 -31.31 -16.29 -8.51
N ASN A 355 -31.82 -17.08 -9.44
CA ASN A 355 -31.25 -17.15 -10.77
C ASN A 355 -29.84 -17.74 -10.76
N GLY A 356 -29.70 -18.95 -10.23
CA GLY A 356 -28.43 -19.64 -10.21
C GLY A 356 -27.36 -19.10 -9.28
N GLU A 357 -27.68 -18.05 -8.54
CA GLU A 357 -26.71 -17.44 -7.65
C GLU A 357 -27.17 -17.44 -6.21
N VAL A 358 -26.22 -17.53 -5.29
CA VAL A 358 -26.52 -17.41 -3.86
C VAL A 358 -26.33 -15.97 -3.42
N ILE A 359 -27.34 -15.39 -2.76
CA ILE A 359 -27.26 -14.00 -2.33
C ILE A 359 -27.56 -13.84 -0.84
N ILE A 360 -26.70 -13.09 -0.16
CA ILE A 360 -26.87 -12.83 1.27
C ILE A 360 -28.18 -12.13 1.58
N VAL A 361 -28.82 -12.53 2.68
CA VAL A 361 -29.83 -11.70 3.31
C VAL A 361 -29.14 -10.99 4.47
N ASP A 362 -28.84 -9.70 4.27
CA ASP A 362 -28.12 -8.90 5.25
C ASP A 362 -28.85 -8.85 6.60
N GLU A 363 -28.19 -9.28 7.65
CA GLU A 363 -28.83 -9.33 8.96
C GLU A 363 -28.96 -7.94 9.58
N PHE A 364 -28.22 -6.98 9.02
CA PHE A 364 -28.20 -5.62 9.56
C PHE A 364 -29.33 -4.75 9.02
N THR A 365 -29.88 -5.13 7.87
CA THR A 365 -30.89 -4.31 7.22
C THR A 365 -32.06 -5.13 6.67
N GLY A 366 -31.90 -6.45 6.61
CA GLY A 366 -32.91 -7.31 6.01
C GLY A 366 -32.90 -7.25 4.48
N ARG A 367 -31.99 -6.44 3.92
CA ARG A 367 -31.89 -6.29 2.47
C ARG A 367 -30.88 -7.24 1.85
N LEU A 368 -31.00 -7.44 0.54
CA LEU A 368 -30.08 -8.29 -0.20
C LEU A 368 -28.77 -7.58 -0.46
N LEU A 369 -27.67 -8.30 -0.32
CA LEU A 369 -26.35 -7.76 -0.66
C LEU A 369 -25.77 -8.53 -1.84
N PRO A 370 -26.13 -8.12 -3.06
CA PRO A 370 -25.70 -8.86 -4.26
C PRO A 370 -24.21 -8.76 -4.48
N GLY A 371 -23.60 -9.85 -4.93
CA GLY A 371 -22.20 -9.86 -5.27
C GLY A 371 -21.27 -9.97 -4.08
N ARG A 372 -21.80 -9.71 -2.88
CA ARG A 372 -21.00 -9.82 -1.66
C ARG A 372 -21.18 -11.20 -1.03
N ARG A 373 -20.10 -11.72 -0.46
CA ARG A 373 -20.01 -13.14 -0.14
C ARG A 373 -19.70 -13.42 1.33
N TYR A 374 -20.19 -14.57 1.82
CA TYR A 374 -19.82 -15.07 3.14
C TYR A 374 -18.32 -15.30 3.23
N SER A 375 -17.81 -15.26 4.45
CA SER A 375 -16.39 -15.44 4.70
C SER A 375 -15.94 -16.91 4.68
N GLY A 376 -14.66 -17.11 4.43
CA GLY A 376 -14.00 -18.40 4.59
C GLY A 376 -14.49 -19.57 3.75
N GLY A 377 -14.90 -19.31 2.51
CA GLY A 377 -15.34 -20.38 1.64
C GLY A 377 -16.70 -20.97 2.00
N LEU A 378 -17.37 -20.37 2.98
CA LEU A 378 -18.72 -20.78 3.35
C LEU A 378 -19.70 -20.52 2.20
N HIS A 379 -19.42 -19.46 1.43
CA HIS A 379 -20.22 -19.14 0.26
C HIS A 379 -20.16 -20.24 -0.79
N GLN A 380 -18.95 -20.74 -1.05
CA GLN A 380 -18.76 -21.87 -1.96
C GLN A 380 -19.49 -23.12 -1.47
N ALA A 381 -19.47 -23.35 -0.16
CA ALA A 381 -20.13 -24.50 0.44
C ALA A 381 -21.66 -24.43 0.24
N ILE A 382 -22.22 -23.23 0.37
CA ILE A 382 -23.65 -23.06 0.16
C ILE A 382 -24.00 -23.25 -1.32
N GLU A 383 -23.22 -22.63 -2.19
CA GLU A 383 -23.39 -22.83 -3.63
C GLU A 383 -23.36 -24.31 -3.97
N ALA A 384 -22.39 -25.02 -3.41
CA ALA A 384 -22.30 -26.45 -3.60
C ALA A 384 -23.52 -27.15 -3.00
N LYS A 385 -23.94 -26.69 -1.83
CA LYS A 385 -25.15 -27.21 -1.20
C LYS A 385 -26.37 -27.08 -2.11
N GLU A 386 -26.48 -25.92 -2.74
CA GLU A 386 -27.64 -25.57 -3.57
C GLU A 386 -27.51 -26.06 -5.00
N GLY A 387 -26.40 -26.74 -5.29
CA GLY A 387 -26.12 -27.22 -6.63
C GLY A 387 -26.05 -26.14 -7.69
N VAL A 388 -25.61 -24.93 -7.30
CA VAL A 388 -25.45 -23.85 -8.26
C VAL A 388 -23.96 -23.68 -8.55
N PRO A 389 -23.61 -22.92 -9.62
CA PRO A 389 -22.21 -22.66 -9.95
C PRO A 389 -21.39 -22.14 -8.76
N ILE A 390 -20.21 -22.71 -8.56
CA ILE A 390 -19.33 -22.29 -7.49
C ILE A 390 -18.38 -21.21 -7.99
N LYS A 391 -18.47 -20.02 -7.40
CA LYS A 391 -17.64 -18.94 -7.90
C LYS A 391 -16.27 -18.96 -7.24
N GLU A 392 -15.26 -18.63 -8.04
CA GLU A 392 -13.88 -18.58 -7.59
C GLU A 392 -13.69 -17.47 -6.58
N GLU A 393 -12.75 -17.68 -5.66
CA GLU A 393 -12.35 -16.67 -4.70
C GLU A 393 -10.85 -16.61 -4.57
N SER A 394 -10.32 -15.42 -4.43
CA SER A 394 -8.95 -15.28 -3.94
C SER A 394 -8.98 -15.46 -2.42
N ILE A 395 -7.86 -15.84 -1.84
CA ILE A 395 -7.72 -15.89 -0.40
C ILE A 395 -6.99 -14.63 0.03
N THR A 396 -7.59 -13.82 0.91
CA THR A 396 -6.90 -12.67 1.48
C THR A 396 -6.11 -13.09 2.72
N TYR A 397 -4.80 -12.92 2.65
CA TYR A 397 -3.93 -13.41 3.71
C TYR A 397 -3.63 -12.34 4.76
N ALA A 398 -3.54 -11.10 4.31
CA ALA A 398 -3.09 -10.04 5.18
C ALA A 398 -3.47 -8.69 4.62
N THR A 399 -3.59 -7.71 5.52
CA THR A 399 -3.91 -6.35 5.12
C THR A 399 -3.28 -5.32 6.03
N ILE A 400 -2.94 -4.17 5.44
CA ILE A 400 -2.54 -3.00 6.22
C ILE A 400 -2.83 -1.75 5.39
N THR A 401 -3.10 -0.62 6.05
CA THR A 401 -3.24 0.65 5.33
C THR A 401 -1.88 1.24 5.09
N PHE A 402 -1.75 2.00 4.01
CA PHE A 402 -0.50 2.68 3.74
C PHE A 402 -0.17 3.69 4.84
N GLN A 403 -1.19 4.28 5.45
CA GLN A 403 -0.99 5.19 6.56
C GLN A 403 -0.24 4.47 7.69
N ASN A 404 -0.76 3.32 8.09
CA ASN A 404 -0.13 2.56 9.15
C ASN A 404 1.20 1.98 8.74
N TYR A 405 1.37 1.65 7.46
CA TYR A 405 2.67 1.17 7.07
C TYR A 405 3.72 2.28 7.19
N PHE A 406 3.43 3.45 6.63
CA PHE A 406 4.47 4.48 6.62
C PHE A 406 4.71 5.14 7.96
N ARG A 407 3.71 5.09 8.85
CA ARG A 407 3.91 5.57 10.20
C ARG A 407 4.85 4.70 11.05
N MET A 408 5.26 3.52 10.55
CA MET A 408 6.24 2.71 11.26
C MET A 408 7.66 3.30 11.18
N TYR A 409 7.91 4.15 10.18
CA TYR A 409 9.28 4.62 9.98
C TYR A 409 9.69 5.62 11.05
N GLU A 410 10.91 5.47 11.53
CA GLU A 410 11.44 6.40 12.51
C GLU A 410 11.51 7.81 11.94
N LYS A 411 11.81 7.91 10.66
CA LYS A 411 11.74 9.21 9.97
C LYS A 411 11.12 9.04 8.59
N LEU A 412 10.15 9.89 8.29
CA LEU A 412 9.41 9.86 7.05
C LEU A 412 9.49 11.20 6.33
N ALA A 413 9.66 11.15 5.02
CA ALA A 413 9.75 12.33 4.17
C ALA A 413 9.09 12.01 2.86
N GLY A 414 8.77 13.05 2.11
CA GLY A 414 8.17 12.85 0.81
C GLY A 414 8.55 13.94 -0.17
N MET A 415 8.41 13.67 -1.46
CA MET A 415 8.56 14.73 -2.45
C MET A 415 7.55 14.60 -3.57
N THR A 416 7.05 15.74 -4.00
CA THR A 416 6.06 15.84 -5.06
C THR A 416 5.93 17.29 -5.51
N GLY A 417 5.32 17.53 -6.66
CA GLY A 417 5.08 18.88 -7.14
C GLY A 417 3.79 19.46 -6.55
N THR A 418 2.99 18.60 -5.92
CA THR A 418 1.63 18.97 -5.52
C THR A 418 1.27 18.52 -4.11
N ALA A 419 1.57 19.35 -3.12
CA ALA A 419 1.32 18.96 -1.73
C ALA A 419 0.73 20.08 -0.88
N LYS A 420 1.11 21.33 -1.14
CA LYS A 420 0.78 22.45 -0.25
C LYS A 420 -0.71 22.70 -0.12
N THR A 421 -1.46 22.49 -1.21
CA THR A 421 -2.91 22.69 -1.18
C THR A 421 -3.61 21.73 -0.21
N GLU A 422 -2.96 20.63 0.15
CA GLU A 422 -3.53 19.71 1.11
C GLU A 422 -2.52 19.36 2.18
N GLU A 423 -1.82 20.38 2.66
CA GLU A 423 -0.78 20.22 3.66
C GLU A 423 -1.31 19.60 4.95
N SER A 424 -2.55 19.91 5.33
CA SER A 424 -3.01 19.46 6.65
C SER A 424 -3.21 17.94 6.65
N GLU A 425 -3.43 17.36 5.47
CA GLU A 425 -3.49 15.91 5.40
C GLU A 425 -2.12 15.31 5.71
N PHE A 426 -1.06 15.88 5.15
CA PHE A 426 0.28 15.37 5.46
C PHE A 426 0.65 15.57 6.93
N VAL A 427 0.22 16.69 7.50
CA VAL A 427 0.50 16.97 8.90
C VAL A 427 -0.29 16.03 9.83
N GLN A 428 -1.60 15.95 9.63
CA GLN A 428 -2.48 15.24 10.55
C GLN A 428 -2.32 13.73 10.44
N VAL A 429 -2.09 13.22 9.25
CA VAL A 429 -2.04 11.78 9.04
C VAL A 429 -0.62 11.23 9.24
N TYR A 430 0.38 11.99 8.81
CA TYR A 430 1.75 11.48 8.81
C TYR A 430 2.74 12.29 9.66
N GLY A 431 2.30 13.42 10.19
CA GLY A 431 3.19 14.29 10.95
C GLY A 431 4.26 14.96 10.12
N MET A 432 3.98 15.26 8.85
CA MET A 432 4.96 15.91 7.97
C MET A 432 4.41 17.23 7.47
N GLU A 433 5.13 18.33 7.66
CA GLU A 433 4.62 19.53 7.04
C GLU A 433 5.21 19.62 5.64
N VAL A 434 4.71 20.60 4.87
CA VAL A 434 5.09 20.77 3.49
C VAL A 434 5.95 22.01 3.33
N VAL A 435 7.07 21.87 2.64
CA VAL A 435 7.92 23.02 2.32
C VAL A 435 7.87 23.28 0.81
N VAL A 436 7.34 24.44 0.43
CA VAL A 436 7.33 24.80 -0.99
C VAL A 436 8.69 25.33 -1.40
N ILE A 437 9.37 24.57 -2.26
CA ILE A 437 10.69 24.90 -2.76
C ILE A 437 10.55 25.75 -4.03
N PRO A 438 11.28 26.88 -4.11
CA PRO A 438 11.25 27.72 -5.33
C PRO A 438 11.68 26.93 -6.54
N THR A 439 11.16 27.27 -7.70
CA THR A 439 11.58 26.59 -8.91
C THR A 439 12.94 27.14 -9.31
N HIS A 440 13.72 26.30 -9.98
CA HIS A 440 15.03 26.66 -10.52
C HIS A 440 14.95 27.88 -11.44
N LYS A 441 13.98 27.88 -12.36
CA LYS A 441 13.78 28.95 -13.34
C LYS A 441 12.39 29.57 -13.16
N PRO A 442 12.18 30.81 -13.66
CA PRO A 442 10.82 31.36 -13.59
C PRO A 442 9.83 30.43 -14.26
N MET A 443 8.69 30.22 -13.60
CA MET A 443 7.63 29.37 -14.14
C MET A 443 6.72 30.24 -15.02
N ILE A 444 6.83 30.08 -16.34
CA ILE A 444 6.17 30.96 -17.30
C ILE A 444 5.05 30.28 -18.09
N ARG A 445 4.68 29.06 -17.68
CA ARG A 445 3.50 28.38 -18.25
C ARG A 445 2.26 29.27 -18.14
N LYS A 446 1.51 29.37 -19.24
CA LYS A 446 0.30 30.16 -19.28
C LYS A 446 -0.86 29.29 -18.85
N ASP A 447 -1.32 29.47 -17.62
CA ASP A 447 -2.43 28.68 -17.10
C ASP A 447 -3.69 29.49 -17.32
N HIS A 448 -4.37 29.17 -18.41
CA HIS A 448 -5.58 29.85 -18.82
C HIS A 448 -6.71 29.66 -17.86
N ASP A 449 -7.59 30.66 -17.80
CA ASP A 449 -8.84 30.52 -17.07
C ASP A 449 -9.69 29.36 -17.60
N ASP A 450 -10.35 28.67 -16.65
CA ASP A 450 -11.18 27.52 -16.94
C ASP A 450 -12.28 27.87 -17.95
N LEU A 451 -12.62 26.91 -18.79
CA LEU A 451 -13.79 27.01 -19.67
C LEU A 451 -14.88 26.11 -19.12
N VAL A 452 -16.05 26.69 -18.87
CA VAL A 452 -17.18 25.89 -18.42
C VAL A 452 -18.31 25.89 -19.47
N PHE A 453 -18.73 24.69 -19.87
CA PHE A 453 -19.80 24.51 -20.83
C PHE A 453 -21.03 23.99 -20.11
N ARG A 454 -22.19 24.02 -20.76
CA ARG A 454 -23.40 23.53 -20.11
C ARG A 454 -23.43 22.00 -20.08
N THR A 455 -22.89 21.34 -21.10
CA THR A 455 -22.95 19.89 -21.17
C THR A 455 -21.62 19.26 -21.54
N GLN A 456 -21.49 17.97 -21.23
CA GLN A 456 -20.28 17.22 -21.57
C GLN A 456 -20.15 17.05 -23.06
N LYS A 457 -21.28 17.01 -23.76
CA LYS A 457 -21.27 16.87 -25.21
C LYS A 457 -20.60 18.05 -25.89
N GLU A 458 -20.98 19.27 -25.52
CA GLU A 458 -20.32 20.41 -26.13
C GLU A 458 -18.90 20.62 -25.59
N LYS A 459 -18.64 20.23 -24.35
CA LYS A 459 -17.28 20.28 -23.81
C LYS A 459 -16.32 19.44 -24.68
N TYR A 460 -16.66 18.17 -24.88
CA TYR A 460 -15.81 17.27 -25.66
C TYR A 460 -15.71 17.69 -27.12
N GLU A 461 -16.78 18.24 -27.68
CA GLU A 461 -16.71 18.74 -29.06
C GLU A 461 -15.67 19.84 -29.14
N LYS A 462 -15.67 20.73 -28.15
CA LYS A 462 -14.71 21.83 -28.14
C LYS A 462 -13.29 21.40 -27.79
N ILE A 463 -13.17 20.33 -27.01
CA ILE A 463 -11.85 19.77 -26.70
C ILE A 463 -11.19 19.28 -27.99
N VAL A 464 -11.96 18.52 -28.77
CA VAL A 464 -11.51 18.04 -30.08
C VAL A 464 -11.19 19.18 -31.06
N GLU A 465 -12.02 20.21 -31.06
CA GLU A 465 -11.74 21.41 -31.86
C GLU A 465 -10.43 22.08 -31.44
N GLU A 466 -10.16 22.09 -30.14
CA GLU A 466 -8.94 22.73 -29.65
C GLU A 466 -7.72 21.92 -30.08
N ILE A 467 -7.82 20.59 -29.95
CA ILE A 467 -6.74 19.70 -30.35
C ILE A 467 -6.43 19.83 -31.83
N GLU A 468 -7.47 19.82 -32.65
CA GLU A 468 -7.35 20.02 -34.09
C GLU A 468 -6.61 21.31 -34.41
N LYS A 469 -6.97 22.38 -33.71
CA LYS A 469 -6.36 23.68 -33.91
C LYS A 469 -4.85 23.62 -33.56
N ARG A 470 -4.53 23.00 -32.43
CA ARG A 470 -3.14 22.96 -32.00
C ARG A 470 -2.31 22.08 -32.91
N TYR A 471 -2.87 20.93 -33.28
CA TYR A 471 -2.20 20.00 -34.17
C TYR A 471 -1.84 20.65 -35.51
N LYS A 472 -2.76 21.43 -36.07
CA LYS A 472 -2.52 22.09 -37.36
C LYS A 472 -1.42 23.13 -37.25
N LYS A 473 -1.35 23.78 -36.10
CA LYS A 473 -0.28 24.72 -35.77
C LYS A 473 1.06 23.98 -35.55
N GLY A 474 1.00 22.70 -35.18
CA GLY A 474 2.19 21.92 -34.87
C GLY A 474 2.56 21.85 -33.38
N GLN A 475 1.81 22.58 -32.56
CA GLN A 475 2.07 22.63 -31.11
C GLN A 475 1.59 21.37 -30.44
N PRO A 476 2.49 20.63 -29.76
CA PRO A 476 2.08 19.35 -29.16
C PRO A 476 1.05 19.55 -28.06
N VAL A 477 0.18 18.55 -27.91
CA VAL A 477 -0.90 18.58 -26.95
C VAL A 477 -0.86 17.32 -26.12
N LEU A 478 -0.98 17.48 -24.81
CA LEU A 478 -1.12 16.34 -23.91
C LEU A 478 -2.47 16.50 -23.22
N VAL A 479 -3.37 15.54 -23.43
CA VAL A 479 -4.75 15.63 -22.96
C VAL A 479 -4.94 14.67 -21.81
N GLY A 480 -5.30 15.17 -20.63
CA GLY A 480 -5.52 14.27 -19.51
C GLY A 480 -6.99 13.94 -19.28
N THR A 481 -7.27 12.67 -19.01
CA THR A 481 -8.60 12.20 -18.66
C THR A 481 -8.56 11.40 -17.37
N THR A 482 -9.73 11.16 -16.79
CA THR A 482 -9.84 10.42 -15.54
C THR A 482 -10.24 8.97 -15.73
N SER A 483 -10.36 8.52 -16.97
CA SER A 483 -10.79 7.13 -17.17
C SER A 483 -10.41 6.62 -18.53
N ILE A 484 -10.16 5.33 -18.63
CA ILE A 484 -9.84 4.73 -19.91
C ILE A 484 -11.01 4.94 -20.86
N GLU A 485 -12.22 4.86 -20.32
CA GLU A 485 -13.44 5.12 -21.08
C GLU A 485 -13.43 6.48 -21.79
N LYS A 486 -13.12 7.52 -21.04
CA LYS A 486 -13.12 8.87 -21.57
C LYS A 486 -11.97 9.06 -22.57
N SER A 487 -10.85 8.37 -22.34
CA SER A 487 -9.74 8.44 -23.28
C SER A 487 -10.12 7.84 -24.62
N GLU A 488 -10.76 6.67 -24.60
CA GLU A 488 -11.04 5.96 -25.84
C GLU A 488 -12.14 6.67 -26.62
N LEU A 489 -13.02 7.36 -25.91
CA LEU A 489 -14.04 8.18 -26.55
C LEU A 489 -13.41 9.37 -27.27
N LEU A 490 -12.52 10.10 -26.60
CA LEU A 490 -11.77 11.15 -27.26
C LEU A 490 -10.98 10.61 -28.45
N SER A 491 -10.29 9.49 -28.26
CA SER A 491 -9.56 8.85 -29.35
C SER A 491 -10.45 8.57 -30.56
N SER A 492 -11.64 8.00 -30.34
CA SER A 492 -12.61 7.80 -31.42
C SER A 492 -12.92 9.11 -32.15
N MET A 493 -13.06 10.18 -31.39
CA MET A 493 -13.44 11.46 -31.99
C MET A 493 -12.31 12.02 -32.85
N LEU A 494 -11.09 11.88 -32.36
CA LEU A 494 -9.91 12.31 -33.10
C LEU A 494 -9.70 11.46 -34.35
N LYS A 495 -9.90 10.15 -34.22
CA LYS A 495 -9.81 9.25 -35.37
C LYS A 495 -10.79 9.69 -36.47
N LYS A 496 -11.99 10.09 -36.09
CA LYS A 496 -12.96 10.59 -37.07
C LYS A 496 -12.51 11.88 -37.74
N LYS A 497 -11.72 12.69 -37.03
CA LYS A 497 -11.23 13.97 -37.57
C LYS A 497 -9.92 13.77 -38.32
N GLY A 498 -9.41 12.55 -38.31
CA GLY A 498 -8.16 12.20 -38.95
C GLY A 498 -6.92 12.69 -38.23
N ILE A 499 -7.01 12.92 -36.93
CA ILE A 499 -5.87 13.42 -36.16
C ILE A 499 -5.05 12.29 -35.57
N PRO A 500 -3.80 12.12 -36.04
CA PRO A 500 -2.98 11.06 -35.44
C PRO A 500 -2.68 11.40 -33.99
N HIS A 501 -2.55 10.37 -33.17
CA HIS A 501 -2.40 10.55 -31.73
C HIS A 501 -2.07 9.22 -31.08
N GLN A 502 -1.70 9.26 -29.80
CA GLN A 502 -1.45 8.05 -29.04
C GLN A 502 -2.28 8.06 -27.77
N VAL A 503 -2.66 6.87 -27.31
CA VAL A 503 -3.40 6.75 -26.08
C VAL A 503 -2.55 6.01 -25.05
N LEU A 504 -2.39 6.63 -23.89
CA LEU A 504 -1.65 6.01 -22.78
C LEU A 504 -2.62 5.77 -21.63
N ASN A 505 -2.79 4.50 -21.25
CA ASN A 505 -3.79 4.17 -20.25
C ASN A 505 -3.26 3.80 -18.84
N ALA A 506 -2.00 4.14 -18.56
CA ALA A 506 -1.38 3.97 -17.23
C ALA A 506 -1.30 2.51 -16.78
N LYS A 507 -1.03 1.63 -17.73
CA LYS A 507 -0.95 0.19 -17.51
C LYS A 507 0.42 -0.39 -17.75
N TYR A 508 1.10 0.07 -18.81
CA TYR A 508 2.37 -0.52 -19.22
C TYR A 508 3.48 0.52 -19.04
N HIS A 509 4.03 0.59 -17.84
CA HIS A 509 4.71 1.83 -17.44
C HIS A 509 6.00 2.10 -18.22
N GLU A 510 6.79 1.07 -18.53
CA GLU A 510 8.04 1.31 -19.24
C GLU A 510 7.78 1.74 -20.69
N LYS A 511 6.82 1.07 -21.35
CA LYS A 511 6.48 1.41 -22.74
C LYS A 511 5.81 2.78 -22.80
N GLU A 512 4.96 3.10 -21.83
CA GLU A 512 4.28 4.39 -21.87
C GLU A 512 5.26 5.52 -21.58
N ALA A 513 6.29 5.23 -20.78
CA ALA A 513 7.37 6.19 -20.52
C ALA A 513 8.12 6.53 -21.83
N GLU A 514 8.42 5.50 -22.62
CA GLU A 514 9.11 5.69 -23.90
C GLU A 514 8.26 6.52 -24.85
N ILE A 515 6.95 6.28 -24.82
CA ILE A 515 6.04 7.00 -25.71
C ILE A 515 5.86 8.44 -25.26
N VAL A 516 5.59 8.64 -23.96
CA VAL A 516 5.32 9.98 -23.45
C VAL A 516 6.59 10.85 -23.52
N ALA A 517 7.76 10.22 -23.56
CA ALA A 517 8.99 10.99 -23.69
C ALA A 517 9.02 11.79 -25.00
N LYS A 518 8.24 11.36 -26.00
CA LYS A 518 8.17 12.01 -27.31
C LYS A 518 6.97 12.95 -27.44
N ALA A 519 6.22 13.12 -26.35
CA ALA A 519 4.98 13.91 -26.40
C ALA A 519 5.21 15.41 -26.65
N GLY A 520 6.47 15.86 -26.59
CA GLY A 520 6.77 17.28 -26.72
C GLY A 520 7.29 17.65 -28.11
N GLN A 521 7.25 16.69 -29.02
CA GLN A 521 7.70 16.90 -30.39
C GLN A 521 6.58 17.52 -31.23
N LYS A 522 6.99 18.26 -32.24
CA LYS A 522 6.08 18.98 -33.11
C LYS A 522 4.99 18.06 -33.64
N GLY A 523 3.74 18.50 -33.53
CA GLY A 523 2.62 17.76 -34.09
C GLY A 523 2.12 16.59 -33.26
N MET A 524 2.72 16.34 -32.10
CA MET A 524 2.28 15.19 -31.31
C MET A 524 0.97 15.47 -30.59
N VAL A 525 0.15 14.43 -30.51
CA VAL A 525 -1.08 14.50 -29.76
C VAL A 525 -1.14 13.26 -28.88
N THR A 526 -1.17 13.46 -27.57
CA THR A 526 -1.14 12.34 -26.61
C THR A 526 -2.32 12.41 -25.66
N ILE A 527 -3.10 11.32 -25.56
CA ILE A 527 -4.15 11.24 -24.56
C ILE A 527 -3.67 10.37 -23.41
N ALA A 528 -3.60 10.93 -22.21
CA ALA A 528 -3.05 10.21 -21.07
C ALA A 528 -4.08 10.04 -19.97
N THR A 529 -4.52 8.81 -19.77
CA THR A 529 -5.42 8.44 -18.68
C THR A 529 -4.68 8.46 -17.34
N ASN A 530 -5.21 9.21 -16.37
CA ASN A 530 -4.75 9.19 -14.98
C ASN A 530 -3.24 9.32 -14.84
N MET A 531 -2.68 10.31 -15.52
CA MET A 531 -1.27 10.65 -15.41
C MET A 531 -0.36 9.52 -15.88
N ALA A 532 -0.83 8.79 -16.89
CA ALA A 532 -0.02 7.78 -17.56
C ALA A 532 1.31 8.41 -17.93
N GLY A 533 2.38 7.64 -17.73
CA GLY A 533 3.70 8.13 -18.09
C GLY A 533 4.26 9.01 -16.98
N ARG A 534 3.62 8.96 -15.80
CA ARG A 534 4.01 9.80 -14.65
C ARG A 534 5.50 9.66 -14.37
N GLY A 535 6.18 10.79 -14.19
CA GLY A 535 7.59 10.78 -13.84
C GLY A 535 8.59 10.85 -14.98
N THR A 536 8.11 10.68 -16.23
CA THR A 536 8.99 10.84 -17.40
C THR A 536 9.01 12.30 -17.84
N ASP A 537 10.20 12.87 -17.94
CA ASP A 537 10.36 14.24 -18.40
C ASP A 537 9.92 14.39 -19.87
N ILE A 538 9.14 15.41 -20.18
CA ILE A 538 8.74 15.66 -21.57
C ILE A 538 9.49 16.88 -22.07
N LYS A 539 10.58 16.64 -22.79
CA LYS A 539 11.38 17.73 -23.34
C LYS A 539 10.69 18.26 -24.60
N LEU A 540 10.86 19.54 -24.87
CA LEU A 540 10.26 20.11 -26.08
C LEU A 540 11.14 19.86 -27.28
N GLY A 541 10.52 19.41 -28.38
CA GLY A 541 11.26 19.14 -29.60
C GLY A 541 11.62 20.42 -30.33
N PRO A 542 12.45 20.28 -31.38
CA PRO A 542 12.85 21.45 -32.20
C PRO A 542 11.63 22.20 -32.72
N GLY A 543 11.61 23.51 -32.52
CA GLY A 543 10.58 24.37 -33.07
C GLY A 543 9.36 24.51 -32.18
N VAL A 544 9.34 23.77 -31.08
CA VAL A 544 8.15 23.72 -30.24
C VAL A 544 8.04 24.90 -29.27
N ALA A 545 9.15 25.35 -28.69
CA ALA A 545 9.08 26.47 -27.76
C ALA A 545 8.44 27.68 -28.46
N GLU A 546 8.82 27.87 -29.73
CA GLU A 546 8.29 28.92 -30.58
C GLU A 546 6.77 28.88 -30.73
N LEU A 547 6.19 27.68 -30.68
CA LEU A 547 4.76 27.50 -30.86
C LEU A 547 4.04 27.65 -29.53
N GLY A 548 4.79 27.90 -28.46
CA GLY A 548 4.19 28.14 -27.16
C GLY A 548 4.40 26.98 -26.20
N GLY A 549 5.23 26.02 -26.59
CA GLY A 549 5.56 24.92 -25.72
C GLY A 549 4.48 23.84 -25.69
N LEU A 550 4.55 22.97 -24.70
CA LEU A 550 3.54 21.92 -24.61
C LEU A 550 2.21 22.55 -24.16
N CYS A 551 1.11 22.18 -24.82
CA CYS A 551 -0.23 22.59 -24.41
C CYS A 551 -0.95 21.45 -23.68
N ILE A 552 -1.23 21.66 -22.39
CA ILE A 552 -1.94 20.69 -21.56
C ILE A 552 -3.42 20.97 -21.68
N ILE A 553 -4.20 19.94 -21.99
CA ILE A 553 -5.65 20.05 -21.87
C ILE A 553 -6.20 19.09 -20.80
N GLY A 554 -6.87 19.65 -19.79
CA GLY A 554 -7.57 18.84 -18.81
C GLY A 554 -9.02 18.73 -19.22
N THR A 555 -9.51 17.52 -19.36
CA THR A 555 -10.84 17.31 -19.90
C THR A 555 -11.93 17.42 -18.84
N GLU A 556 -11.55 17.52 -17.57
CA GLU A 556 -12.45 17.87 -16.47
C GLU A 556 -11.57 18.24 -15.31
N ARG A 557 -12.15 18.77 -14.22
CA ARG A 557 -11.37 18.96 -12.99
C ARG A 557 -11.71 17.90 -11.96
N HIS A 558 -10.72 17.48 -11.16
CA HIS A 558 -10.95 16.55 -10.08
C HIS A 558 -11.54 17.17 -8.83
N GLU A 559 -11.92 16.28 -7.91
CA GLU A 559 -12.36 16.64 -6.57
C GLU A 559 -11.19 17.13 -5.73
N SER A 560 -9.97 16.81 -6.17
CA SER A 560 -8.76 17.35 -5.54
C SER A 560 -7.95 18.16 -6.56
N ARG A 561 -7.70 19.44 -6.27
CA ARG A 561 -6.95 20.25 -7.22
C ARG A 561 -5.51 19.74 -7.41
N ARG A 562 -4.99 18.97 -6.44
CA ARG A 562 -3.68 18.34 -6.57
C ARG A 562 -3.53 17.65 -7.91
N ILE A 563 -4.57 16.89 -8.25
CA ILE A 563 -4.48 16.03 -9.41
C ILE A 563 -4.55 16.86 -10.70
N ASP A 564 -5.34 17.94 -10.68
CA ASP A 564 -5.28 18.91 -11.77
C ASP A 564 -3.89 19.55 -11.91
N ASN A 565 -3.33 19.96 -10.77
CA ASN A 565 -2.01 20.59 -10.82
C ASN A 565 -0.93 19.61 -11.32
N GLN A 566 -1.07 18.33 -11.00
CA GLN A 566 -0.13 17.33 -11.55
C GLN A 566 -0.11 17.35 -13.07
N LEU A 567 -1.30 17.38 -13.66
CA LEU A 567 -1.40 17.40 -15.12
C LEU A 567 -0.79 18.67 -15.73
N ARG A 568 -1.16 19.84 -15.21
CA ARG A 568 -0.66 21.09 -15.79
C ARG A 568 0.85 21.23 -15.62
N GLY A 569 1.40 20.65 -14.56
CA GLY A 569 2.83 20.67 -14.31
C GLY A 569 3.67 19.87 -15.28
N ARG A 570 3.05 19.07 -16.13
CA ARG A 570 3.82 18.33 -17.13
C ARG A 570 4.35 19.25 -18.25
N ALA A 571 3.78 20.45 -18.33
CA ALA A 571 4.28 21.48 -19.24
C ALA A 571 4.94 22.63 -18.45
N GLY A 572 5.77 23.40 -19.13
CA GLY A 572 6.45 24.51 -18.49
C GLY A 572 7.55 24.10 -17.53
N ARG A 573 8.13 22.92 -17.73
CA ARG A 573 9.22 22.42 -16.87
C ARG A 573 10.52 23.23 -17.13
N GLN A 574 11.29 23.47 -16.06
CA GLN A 574 12.58 24.16 -16.16
C GLN A 574 12.50 25.45 -16.97
N GLY A 575 11.43 26.21 -16.73
CA GLY A 575 11.26 27.52 -17.34
C GLY A 575 10.85 27.53 -18.81
N ASP A 576 10.56 26.36 -19.38
CA ASP A 576 10.04 26.26 -20.74
C ASP A 576 8.75 27.07 -20.92
N PRO A 577 8.50 27.58 -22.13
CA PRO A 577 7.12 28.04 -22.31
C PRO A 577 6.16 26.85 -22.32
N GLY A 578 4.90 27.12 -22.02
CA GLY A 578 3.88 26.09 -22.04
C GLY A 578 2.52 26.68 -21.74
N GLU A 579 1.48 25.86 -21.84
CA GLU A 579 0.14 26.33 -21.56
C GLU A 579 -0.67 25.23 -20.90
N SER A 580 -1.67 25.61 -20.10
CA SER A 580 -2.69 24.65 -19.71
C SER A 580 -4.08 25.27 -19.80
N ILE A 581 -5.04 24.40 -20.07
CA ILE A 581 -6.45 24.76 -20.13
C ILE A 581 -7.27 23.65 -19.53
N PHE A 582 -8.12 23.97 -18.56
CA PHE A 582 -9.09 23.01 -18.05
C PHE A 582 -10.50 23.32 -18.59
N PHE A 583 -11.13 22.28 -19.14
CA PHE A 583 -12.49 22.28 -19.65
C PHE A 583 -13.38 21.62 -18.59
N LEU A 584 -14.50 22.25 -18.25
CA LEU A 584 -15.49 21.63 -17.37
C LEU A 584 -16.89 21.75 -17.99
N SER A 585 -17.84 20.95 -17.51
CA SER A 585 -19.22 21.22 -17.86
C SER A 585 -20.07 21.14 -16.60
N LEU A 586 -21.28 21.70 -16.70
CA LEU A 586 -22.23 21.67 -15.61
C LEU A 586 -22.64 20.24 -15.27
N GLU A 587 -22.39 19.32 -16.19
CA GLU A 587 -22.75 17.92 -16.01
C GLU A 587 -21.61 17.08 -15.42
N ASP A 588 -20.45 17.70 -15.22
CA ASP A 588 -19.29 16.99 -14.66
C ASP A 588 -19.49 16.63 -13.18
N ASP A 589 -18.81 15.58 -12.75
CA ASP A 589 -18.90 15.11 -11.37
C ASP A 589 -18.63 16.23 -10.35
N LEU A 590 -17.57 17.00 -10.55
CA LEU A 590 -17.19 18.05 -9.62
C LEU A 590 -18.34 19.03 -9.38
N LEU A 591 -18.89 19.55 -10.47
CA LEU A 591 -19.87 20.61 -10.36
C LEU A 591 -21.24 20.06 -9.96
N ARG A 592 -21.47 18.77 -10.21
CA ARG A 592 -22.67 18.12 -9.71
C ARG A 592 -22.64 18.02 -8.19
N ILE A 593 -21.45 18.05 -7.60
CA ILE A 593 -21.33 18.08 -6.15
C ILE A 593 -21.67 19.47 -5.59
N PHE A 594 -20.97 20.50 -6.10
CA PHE A 594 -21.30 21.89 -5.82
C PHE A 594 -21.14 22.75 -7.07
N GLY A 595 -22.07 23.68 -7.30
CA GLY A 595 -21.82 24.76 -8.22
C GLY A 595 -22.47 24.70 -9.59
N SER A 596 -22.93 23.52 -10.00
CA SER A 596 -23.61 23.38 -11.28
C SER A 596 -24.76 24.39 -11.42
N GLU A 597 -25.58 24.49 -10.37
CA GLU A 597 -26.76 25.34 -10.38
C GLU A 597 -26.42 26.80 -10.49
N GLN A 598 -25.57 27.27 -9.57
CA GLN A 598 -25.16 28.66 -9.53
C GLN A 598 -24.49 29.11 -10.85
N ILE A 599 -23.54 28.32 -11.33
CA ILE A 599 -22.82 28.66 -12.56
C ILE A 599 -23.76 28.62 -13.78
N GLY A 600 -24.66 27.64 -13.82
CA GLY A 600 -25.69 27.57 -14.83
C GLY A 600 -26.57 28.82 -14.89
N LYS A 601 -26.89 29.38 -13.72
CA LYS A 601 -27.69 30.61 -13.66
C LYS A 601 -26.93 31.79 -14.25
N VAL A 602 -25.66 31.91 -13.90
CA VAL A 602 -24.82 32.98 -14.44
C VAL A 602 -24.66 32.86 -15.95
N MET A 603 -24.47 31.65 -16.46
CA MET A 603 -24.34 31.46 -17.89
C MET A 603 -25.59 31.98 -18.65
N ASN A 604 -26.76 31.67 -18.11
CA ASN A 604 -28.01 32.07 -18.76
C ASN A 604 -28.27 33.56 -18.60
N ILE A 605 -28.02 34.09 -17.41
CA ILE A 605 -28.05 35.52 -17.19
C ILE A 605 -27.15 36.28 -18.17
N LEU A 606 -25.93 35.79 -18.38
CA LEU A 606 -25.01 36.46 -19.29
C LEU A 606 -25.25 36.11 -20.75
N LYS A 607 -26.25 35.27 -21.01
CA LYS A 607 -26.62 34.85 -22.36
C LYS A 607 -25.46 34.17 -23.08
N ILE A 608 -24.73 33.30 -22.38
CA ILE A 608 -23.75 32.48 -23.04
C ILE A 608 -24.44 31.67 -24.11
N GLU A 609 -23.89 31.74 -25.30
CA GLU A 609 -24.40 31.04 -26.46
C GLU A 609 -24.41 29.54 -26.24
N GLU A 610 -25.40 28.87 -26.81
CA GLU A 610 -25.42 27.43 -26.80
C GLU A 610 -24.15 26.93 -27.49
N GLY A 611 -23.49 25.95 -26.85
CA GLY A 611 -22.25 25.39 -27.37
C GLY A 611 -21.00 26.15 -26.93
N GLN A 612 -21.18 27.32 -26.34
CA GLN A 612 -20.02 28.14 -25.96
C GLN A 612 -19.74 28.04 -24.46
N PRO A 613 -18.51 28.38 -24.06
CA PRO A 613 -18.22 28.36 -22.62
C PRO A 613 -18.31 29.74 -21.98
N ILE A 614 -18.40 29.74 -20.66
CA ILE A 614 -18.13 30.93 -19.87
C ILE A 614 -16.68 30.83 -19.35
N GLN A 615 -15.98 31.96 -19.29
CA GLN A 615 -14.59 31.99 -18.87
C GLN A 615 -14.31 33.31 -18.17
N HIS A 616 -13.82 33.24 -16.93
CA HIS A 616 -13.51 34.43 -16.16
C HIS A 616 -12.65 34.11 -14.96
N PRO A 617 -11.72 35.01 -14.60
CA PRO A 617 -10.89 34.84 -13.41
C PRO A 617 -11.73 34.56 -12.16
N MET A 618 -12.87 35.23 -12.05
CA MET A 618 -13.73 35.06 -10.88
C MET A 618 -14.37 33.69 -10.87
N LEU A 619 -14.72 33.19 -12.05
CA LEU A 619 -15.19 31.81 -12.19
C LEU A 619 -14.08 30.79 -11.86
N SER A 620 -12.86 31.01 -12.34
CA SER A 620 -11.76 30.12 -11.99
C SER A 620 -11.55 30.08 -10.47
N LYS A 621 -11.74 31.23 -9.82
CA LYS A 621 -11.59 31.31 -8.38
C LYS A 621 -12.72 30.54 -7.70
N LEU A 622 -13.95 30.70 -8.20
CA LEU A 622 -15.10 29.98 -7.65
C LEU A 622 -14.88 28.47 -7.72
N ILE A 623 -14.42 28.01 -8.88
CA ILE A 623 -14.14 26.61 -9.11
C ILE A 623 -13.06 26.09 -8.15
N GLU A 624 -12.00 26.89 -7.96
CA GLU A 624 -10.94 26.57 -7.03
C GLU A 624 -11.50 26.46 -5.61
N ASN A 625 -12.33 27.42 -5.23
CA ASN A 625 -13.01 27.38 -3.94
C ASN A 625 -13.94 26.19 -3.79
N ILE A 626 -14.64 25.82 -4.87
CA ILE A 626 -15.45 24.61 -4.83
C ILE A 626 -14.56 23.41 -4.50
N GLN A 627 -13.41 23.30 -5.16
CA GLN A 627 -12.50 22.19 -4.88
C GLN A 627 -11.98 22.21 -3.44
N LYS A 628 -11.71 23.40 -2.90
CA LYS A 628 -11.29 23.50 -1.49
C LYS A 628 -12.35 22.87 -0.60
N LYS A 629 -13.61 23.19 -0.89
CA LYS A 629 -14.74 22.73 -0.09
C LYS A 629 -14.96 21.23 -0.17
N VAL A 630 -14.89 20.70 -1.39
CA VAL A 630 -15.06 19.27 -1.63
C VAL A 630 -13.91 18.50 -0.99
N GLU A 631 -12.69 19.02 -1.11
CA GLU A 631 -11.51 18.46 -0.47
C GLU A 631 -11.66 18.36 1.04
N GLY A 632 -12.17 19.43 1.64
CA GLY A 632 -12.33 19.52 3.08
C GLY A 632 -13.32 18.47 3.54
N ILE A 633 -14.43 18.35 2.82
CA ILE A 633 -15.44 17.35 3.17
C ILE A 633 -14.92 15.92 2.98
N ASN A 634 -14.33 15.64 1.82
CA ASN A 634 -13.74 14.33 1.56
C ASN A 634 -12.65 13.96 2.58
N PHE A 635 -11.83 14.94 2.94
CA PHE A 635 -10.80 14.73 3.96
C PHE A 635 -11.42 14.33 5.32
N SER A 636 -12.50 15.02 5.70
CA SER A 636 -13.25 14.67 6.93
C SER A 636 -13.74 13.23 6.91
N ILE A 637 -14.43 12.86 5.83
CA ILE A 637 -14.94 11.50 5.66
C ILE A 637 -13.81 10.46 5.70
N ARG A 638 -12.78 10.65 4.88
CA ARG A 638 -11.66 9.72 4.87
C ARG A 638 -10.95 9.62 6.23
N LYS A 639 -10.92 10.72 7.00
CA LYS A 639 -10.32 10.64 8.33
C LYS A 639 -11.15 9.77 9.28
N THR A 640 -12.46 9.73 9.07
CA THR A 640 -13.31 8.87 9.87
C THR A 640 -13.04 7.41 9.51
N LEU A 641 -12.83 7.14 8.22
CA LEU A 641 -12.52 5.80 7.77
C LEU A 641 -11.17 5.36 8.31
N MET A 642 -10.21 6.30 8.30
CA MET A 642 -8.89 6.06 8.87
C MET A 642 -8.96 5.70 10.34
N GLU A 643 -9.81 6.39 11.11
CA GLU A 643 -9.96 6.09 12.54
C GLU A 643 -10.41 4.64 12.79
N MET A 644 -11.32 4.16 11.95
CA MET A 644 -11.78 2.78 12.03
C MET A 644 -10.66 1.82 11.66
N ASP A 645 -9.92 2.13 10.60
CA ASP A 645 -8.83 1.28 10.16
C ASP A 645 -7.77 1.20 11.28
N ASP A 646 -7.59 2.31 11.99
CA ASP A 646 -6.57 2.34 13.01
C ASP A 646 -6.95 1.54 14.24
N VAL A 647 -8.24 1.37 14.49
CA VAL A 647 -8.70 0.46 15.54
C VAL A 647 -8.29 -0.97 15.18
N LEU A 648 -8.60 -1.32 13.95
CA LEU A 648 -8.25 -2.63 13.45
C LEU A 648 -6.72 -2.82 13.38
N ASP A 649 -5.99 -1.74 13.15
CA ASP A 649 -4.55 -1.87 13.07
C ASP A 649 -3.91 -2.19 14.43
N LYS A 650 -4.46 -1.63 15.51
CA LYS A 650 -3.92 -1.96 16.84
C LYS A 650 -4.17 -3.43 17.15
N GLN A 651 -5.31 -3.95 16.71
CA GLN A 651 -5.57 -5.38 16.90
C GLN A 651 -4.59 -6.21 16.06
N ARG A 652 -4.36 -5.79 14.82
CA ARG A 652 -3.36 -6.46 13.96
C ARG A 652 -1.98 -6.53 14.60
N ARG A 653 -1.56 -5.42 15.20
CA ARG A 653 -0.26 -5.38 15.82
C ARG A 653 -0.20 -6.36 17.00
N ALA A 654 -1.29 -6.45 17.76
CA ALA A 654 -1.37 -7.43 18.84
C ALA A 654 -1.26 -8.86 18.32
N VAL A 655 -2.00 -9.17 17.25
CA VAL A 655 -1.96 -10.52 16.67
C VAL A 655 -0.58 -10.84 16.07
N TYR A 656 0.03 -9.87 15.38
CA TYR A 656 1.33 -10.12 14.76
C TYR A 656 2.40 -10.29 15.82
N SER A 657 2.27 -9.52 16.89
CA SER A 657 3.19 -9.63 18.03
C SER A 657 3.13 -11.02 18.66
N LEU A 658 1.91 -11.51 18.85
CA LEU A 658 1.67 -12.88 19.34
C LEU A 658 2.28 -13.91 18.39
N ARG A 659 2.04 -13.73 17.10
CA ARG A 659 2.56 -14.60 16.06
C ARG A 659 4.09 -14.70 16.10
N ASP A 660 4.75 -13.55 16.20
CA ASP A 660 6.21 -13.50 16.31
C ASP A 660 6.74 -14.24 17.55
N GLN A 661 6.08 -14.06 18.69
CA GLN A 661 6.45 -14.78 19.92
C GLN A 661 6.31 -16.30 19.76
N ILE A 662 5.26 -16.73 19.08
CA ILE A 662 5.08 -18.14 18.77
C ILE A 662 6.24 -18.63 17.89
N LEU A 663 6.60 -17.85 16.88
CA LEU A 663 7.73 -18.20 16.03
C LEU A 663 9.04 -18.26 16.78
N LEU A 664 9.18 -17.47 17.84
CA LEU A 664 10.43 -17.37 18.59
C LEU A 664 10.50 -18.35 19.77
N GLU A 665 9.40 -19.02 20.07
CA GLU A 665 9.30 -19.87 21.24
C GLU A 665 9.78 -21.31 21.01
N LYS A 666 10.71 -21.77 21.83
CA LYS A 666 11.17 -23.17 21.82
C LYS A 666 10.17 -24.13 22.48
N ASP A 667 9.65 -23.72 23.64
CA ASP A 667 8.74 -24.57 24.42
C ASP A 667 7.35 -23.92 24.62
N TYR A 668 6.28 -24.64 24.27
CA TYR A 668 4.93 -24.08 24.37
C TYR A 668 4.21 -24.38 25.69
N ASP A 669 4.96 -24.82 26.70
CA ASP A 669 4.33 -25.21 27.97
C ASP A 669 3.62 -24.03 28.59
N GLU A 670 4.30 -22.88 28.65
CA GLU A 670 3.73 -21.72 29.33
C GLU A 670 2.51 -21.17 28.59
N TYR A 671 2.60 -21.13 27.27
CA TYR A 671 1.50 -20.64 26.45
C TYR A 671 0.28 -21.56 26.56
N LEU A 672 0.51 -22.87 26.46
CA LEU A 672 -0.62 -23.81 26.61
C LEU A 672 -1.19 -23.80 28.03
N LYS A 673 -0.38 -23.61 29.10
CA LYS A 673 -0.96 -23.39 30.44
C LYS A 673 -1.94 -22.23 30.43
N ASP A 674 -1.53 -21.12 29.81
CA ASP A 674 -2.37 -19.93 29.69
C ASP A 674 -3.64 -20.20 28.89
N ILE A 675 -3.49 -20.88 27.77
CA ILE A 675 -4.63 -21.27 26.96
C ILE A 675 -5.62 -22.16 27.73
N PHE A 676 -5.12 -23.22 28.37
CA PHE A 676 -5.96 -24.16 29.12
C PHE A 676 -6.65 -23.45 30.28
N GLU A 677 -5.89 -22.62 30.97
CA GLU A 677 -6.45 -21.75 32.00
C GLU A 677 -7.59 -20.88 31.47
N ASP A 678 -7.40 -20.26 30.30
CA ASP A 678 -8.42 -19.39 29.74
C ASP A 678 -9.66 -20.20 29.33
N VAL A 679 -9.43 -21.38 28.75
CA VAL A 679 -10.51 -22.27 28.30
C VAL A 679 -11.37 -22.70 29.51
N VAL A 680 -10.72 -23.10 30.59
CA VAL A 680 -11.45 -23.55 31.79
C VAL A 680 -12.05 -22.39 32.60
N SER A 681 -11.25 -21.37 32.90
CA SER A 681 -11.67 -20.33 33.82
C SER A 681 -12.84 -19.50 33.30
N THR A 682 -12.88 -19.23 32.00
CA THR A 682 -13.97 -18.41 31.47
C THR A 682 -15.28 -19.18 31.63
N ARG A 683 -15.23 -20.49 31.48
CA ARG A 683 -16.44 -21.30 31.56
C ARG A 683 -16.89 -21.54 33.01
N VAL A 684 -15.93 -21.71 33.90
CA VAL A 684 -16.21 -21.88 35.33
C VAL A 684 -16.76 -20.60 35.94
N GLU A 685 -16.26 -19.44 35.52
CA GLU A 685 -16.79 -18.20 36.05
C GLU A 685 -18.20 -17.97 35.50
N GLU A 686 -18.44 -18.38 34.26
CA GLU A 686 -19.71 -18.15 33.62
C GLU A 686 -20.84 -18.99 34.23
N PHE A 687 -20.55 -20.23 34.59
CA PHE A 687 -21.60 -21.16 35.02
C PHE A 687 -21.57 -21.50 36.51
N CYS A 688 -20.48 -21.16 37.19
CA CYS A 688 -20.27 -21.66 38.54
C CYS A 688 -19.74 -20.61 39.52
N SER A 689 -19.91 -19.34 39.19
CA SER A 689 -19.47 -18.28 40.08
C SER A 689 -20.68 -17.69 40.79
N GLY A 690 -20.47 -17.23 42.01
CA GLY A 690 -21.54 -16.60 42.77
C GLY A 690 -22.63 -17.58 43.17
N LYS A 691 -23.84 -17.31 42.71
CA LYS A 691 -24.99 -18.14 43.04
C LYS A 691 -25.06 -19.36 42.12
N ASN A 692 -24.52 -19.20 40.91
CA ASN A 692 -24.69 -20.22 39.88
C ASN A 692 -23.87 -21.49 40.13
N TRP A 693 -24.49 -22.62 39.78
CA TRP A 693 -23.84 -23.93 39.77
C TRP A 693 -24.48 -24.77 38.67
N ASP A 694 -24.19 -24.40 37.43
CA ASP A 694 -24.78 -25.06 36.27
C ASP A 694 -23.76 -25.97 35.57
N ILE A 695 -23.47 -27.10 36.19
CA ILE A 695 -22.49 -28.06 35.66
C ILE A 695 -22.94 -28.59 34.30
N GLU A 696 -24.25 -28.65 34.08
CA GLU A 696 -24.77 -29.14 32.81
C GLU A 696 -24.36 -28.24 31.63
N SER A 697 -24.58 -26.93 31.78
CA SER A 697 -24.16 -26.00 30.74
C SER A 697 -22.64 -26.01 30.57
N LEU A 698 -21.91 -26.14 31.68
CA LEU A 698 -20.44 -26.19 31.65
C LEU A 698 -20.01 -27.36 30.79
N LYS A 699 -20.60 -28.51 31.04
CA LYS A 699 -20.32 -29.72 30.28
C LYS A 699 -20.55 -29.54 28.78
N ASN A 700 -21.71 -28.99 28.43
CA ASN A 700 -22.04 -28.72 27.03
C ASN A 700 -21.07 -27.74 26.41
N SER A 701 -20.68 -26.72 27.18
CA SER A 701 -19.74 -25.71 26.72
C SER A 701 -18.37 -26.32 26.32
N LEU A 702 -18.02 -27.41 27.00
CA LEU A 702 -16.76 -28.11 26.77
C LEU A 702 -16.91 -29.28 25.77
N SER A 703 -18.09 -29.42 25.18
CA SER A 703 -18.41 -30.59 24.35
C SER A 703 -17.59 -30.70 23.07
N PHE A 704 -16.93 -29.62 22.65
CA PHE A 704 -16.09 -29.67 21.46
C PHE A 704 -14.83 -30.55 21.67
N PHE A 705 -14.44 -30.74 22.92
CA PHE A 705 -13.32 -31.60 23.27
C PHE A 705 -13.63 -33.09 23.05
N PRO A 706 -12.59 -33.92 22.92
CA PRO A 706 -12.89 -35.34 22.71
C PRO A 706 -13.37 -36.02 23.98
N ALA A 707 -14.22 -37.03 23.81
CA ALA A 707 -14.63 -37.89 24.90
C ALA A 707 -13.39 -38.49 25.55
N GLY A 708 -13.46 -38.71 26.86
CA GLY A 708 -12.34 -39.29 27.59
C GLY A 708 -11.49 -38.24 28.30
N LEU A 709 -11.89 -36.98 28.16
CA LEU A 709 -11.17 -35.90 28.82
C LEU A 709 -11.79 -35.56 30.16
N PHE A 710 -13.09 -35.26 30.17
CA PHE A 710 -13.77 -34.88 31.40
C PHE A 710 -14.88 -35.88 31.76
N ASP A 711 -15.03 -36.14 33.04
CA ASP A 711 -16.17 -36.91 33.52
C ASP A 711 -16.86 -36.09 34.60
N LEU A 712 -17.80 -35.25 34.19
CA LEU A 712 -18.45 -34.34 35.14
C LEU A 712 -19.78 -34.89 35.68
N ASP A 713 -20.21 -36.02 35.15
CA ASP A 713 -21.54 -36.56 35.48
C ASP A 713 -21.71 -36.90 36.96
N GLU A 714 -20.86 -37.79 37.48
CA GLU A 714 -21.01 -38.25 38.88
C GLU A 714 -19.89 -37.77 39.77
N LYS A 715 -19.62 -36.47 39.75
CA LYS A 715 -18.64 -35.89 40.64
C LYS A 715 -19.30 -34.83 41.48
N GLN A 716 -18.87 -34.68 42.73
CA GLN A 716 -19.47 -33.69 43.60
C GLN A 716 -18.40 -32.76 44.16
N PHE A 717 -18.09 -31.72 43.39
CA PHE A 717 -17.06 -30.74 43.70
C PHE A 717 -17.43 -29.82 44.87
N SER A 718 -16.45 -29.55 45.73
CA SER A 718 -16.66 -28.78 46.95
C SER A 718 -16.64 -27.27 46.71
N SER A 719 -16.18 -26.89 45.53
CA SER A 719 -16.06 -25.48 45.16
C SER A 719 -15.74 -25.33 43.69
N SER A 720 -15.93 -24.12 43.18
CA SER A 720 -15.54 -23.78 41.81
C SER A 720 -14.02 -23.95 41.61
N GLU A 721 -13.25 -23.78 42.68
CA GLU A 721 -11.81 -23.97 42.62
C GLU A 721 -11.47 -25.44 42.37
N GLU A 722 -12.15 -26.33 43.08
CA GLU A 722 -11.92 -27.76 42.88
C GLU A 722 -12.29 -28.19 41.47
N LEU A 723 -13.40 -27.67 40.98
CA LEU A 723 -13.89 -27.87 39.61
C LEU A 723 -12.87 -27.36 38.58
N HIS A 724 -12.41 -26.13 38.78
CA HIS A 724 -11.39 -25.52 37.93
C HIS A 724 -10.15 -26.39 37.85
N ASP A 725 -9.67 -26.84 39.00
CA ASP A 725 -8.44 -27.62 39.08
C ASP A 725 -8.55 -28.96 38.37
N TYR A 726 -9.69 -29.65 38.57
CA TYR A 726 -9.97 -30.89 37.86
C TYR A 726 -9.91 -30.71 36.34
N LEU A 727 -10.66 -29.72 35.83
CA LEU A 727 -10.71 -29.48 34.39
C LEU A 727 -9.32 -29.11 33.85
N PHE A 728 -8.62 -28.24 34.54
CA PHE A 728 -7.29 -27.86 34.08
C PHE A 728 -6.35 -29.06 34.09
N ASN A 729 -6.33 -29.78 35.21
CA ASN A 729 -5.45 -30.92 35.35
C ASN A 729 -5.67 -32.02 34.30
N ARG A 730 -6.92 -32.27 33.93
CA ARG A 730 -7.18 -33.28 32.91
C ARG A 730 -6.55 -32.84 31.56
N LEU A 731 -6.79 -31.59 31.20
CA LEU A 731 -6.18 -31.01 30.00
C LEU A 731 -4.66 -31.13 30.06
N TRP A 732 -4.09 -30.72 31.19
CA TRP A 732 -2.63 -30.76 31.37
C TRP A 732 -2.09 -32.18 31.30
N GLU A 733 -2.78 -33.11 31.98
CA GLU A 733 -2.37 -34.53 31.96
C GLU A 733 -2.37 -35.09 30.54
N GLU A 734 -3.41 -34.79 29.76
CA GLU A 734 -3.47 -35.35 28.40
C GLU A 734 -2.42 -34.74 27.47
N TYR A 735 -2.16 -33.44 27.63
CA TYR A 735 -1.07 -32.77 26.90
C TYR A 735 0.26 -33.45 27.18
N GLN A 736 0.53 -33.72 28.45
CA GLN A 736 1.79 -34.33 28.82
C GLN A 736 1.87 -35.75 28.29
N ARG A 737 0.77 -36.50 28.35
CA ARG A 737 0.74 -37.83 27.73
C ARG A 737 1.12 -37.78 26.24
N LYS A 738 0.55 -36.82 25.50
CA LYS A 738 0.79 -36.74 24.07
C LYS A 738 2.25 -36.41 23.74
N LYS A 739 2.90 -35.61 24.59
CA LYS A 739 4.33 -35.36 24.43
C LYS A 739 5.09 -36.68 24.40
N GLN A 740 4.73 -37.57 25.34
CA GLN A 740 5.38 -38.86 25.47
C GLN A 740 5.11 -39.78 24.28
N GLU A 741 3.86 -39.82 23.83
CA GLU A 741 3.49 -40.66 22.70
C GLU A 741 4.09 -40.18 21.37
N ILE A 742 4.14 -38.87 21.18
CA ILE A 742 4.54 -38.31 19.91
C ILE A 742 6.05 -38.04 19.86
N GLY A 743 6.61 -37.64 21.00
CA GLY A 743 8.02 -37.29 21.07
C GLY A 743 8.28 -35.84 20.76
N GLU A 744 9.55 -35.48 20.67
CA GLU A 744 9.94 -34.08 20.57
C GLU A 744 9.47 -33.32 19.33
N ASP A 745 9.04 -34.02 18.28
CA ASP A 745 8.51 -33.31 17.13
C ASP A 745 7.15 -32.65 17.44
N TYR A 746 6.57 -33.03 18.56
CA TYR A 746 5.25 -32.50 18.97
C TYR A 746 5.29 -30.97 18.99
N ARG A 747 6.39 -30.41 19.51
CA ARG A 747 6.57 -28.96 19.56
C ARG A 747 6.46 -28.27 18.19
N LYS A 748 7.08 -28.86 17.17
CA LYS A 748 6.98 -28.30 15.83
C LYS A 748 5.55 -28.39 15.30
N VAL A 749 4.90 -29.52 15.58
CA VAL A 749 3.50 -29.73 15.18
C VAL A 749 2.63 -28.65 15.79
N ILE A 750 2.86 -28.39 17.07
CA ILE A 750 2.08 -27.42 17.79
C ILE A 750 2.30 -26.03 17.21
N ARG A 751 3.55 -25.70 16.90
CA ARG A 751 3.82 -24.41 16.32
C ARG A 751 3.07 -24.27 15.00
N PHE A 752 3.11 -25.32 14.18
CA PHE A 752 2.43 -25.28 12.91
C PHE A 752 0.92 -25.05 13.08
N LEU A 753 0.30 -25.82 13.98
CA LEU A 753 -1.14 -25.69 14.21
C LEU A 753 -1.50 -24.31 14.77
N MET A 754 -0.73 -23.82 15.74
CA MET A 754 -0.95 -22.48 16.29
C MET A 754 -0.93 -21.41 15.22
N LEU A 755 0.11 -21.42 14.39
CA LEU A 755 0.19 -20.43 13.32
C LEU A 755 -0.99 -20.52 12.36
N ARG A 756 -1.31 -21.73 11.93
CA ARG A 756 -2.45 -21.95 11.03
C ARG A 756 -3.78 -21.47 11.64
N ILE A 757 -4.02 -21.80 12.91
CA ILE A 757 -5.29 -21.51 13.56
C ILE A 757 -5.42 -20.00 13.69
N ILE A 758 -4.33 -19.35 14.10
CA ILE A 758 -4.33 -17.92 14.29
C ILE A 758 -4.48 -17.21 12.94
N ASP A 759 -3.73 -17.62 11.93
CA ASP A 759 -3.86 -17.00 10.61
C ASP A 759 -5.26 -17.18 10.03
N ASP A 760 -5.84 -18.35 10.19
CA ASP A 760 -7.18 -18.60 9.68
C ASP A 760 -8.23 -17.73 10.36
N HIS A 761 -8.17 -17.63 11.68
CA HIS A 761 -9.16 -16.85 12.42
C HIS A 761 -8.97 -15.37 12.10
N TRP A 762 -7.72 -14.93 11.97
CA TRP A 762 -7.44 -13.53 11.67
C TRP A 762 -7.98 -13.16 10.28
N ARG A 763 -7.74 -14.03 9.29
CA ARG A 763 -8.24 -13.85 7.92
C ARG A 763 -9.76 -13.71 7.91
N ARG A 764 -10.45 -14.59 8.62
CA ARG A 764 -11.90 -14.55 8.60
C ARG A 764 -12.43 -13.38 9.41
N TYR A 765 -11.74 -13.04 10.49
CA TYR A 765 -12.12 -11.86 11.28
C TYR A 765 -12.07 -10.59 10.43
N LEU A 766 -11.02 -10.45 9.63
CA LEU A 766 -10.88 -9.31 8.70
C LEU A 766 -12.09 -9.21 7.78
N GLU A 767 -12.49 -10.34 7.21
CA GLU A 767 -13.60 -10.38 6.27
C GLU A 767 -14.90 -9.91 6.94
N GLU A 768 -15.09 -10.29 8.20
CA GLU A 768 -16.30 -9.93 8.93
C GLU A 768 -16.30 -8.47 9.41
N VAL A 769 -15.16 -7.96 9.87
CA VAL A 769 -15.13 -6.57 10.34
C VAL A 769 -15.25 -5.62 9.16
N GLU A 770 -14.87 -6.08 7.98
CA GLU A 770 -15.07 -5.29 6.77
C GLU A 770 -16.56 -5.04 6.55
N HIS A 771 -17.38 -6.07 6.81
CA HIS A 771 -18.84 -5.94 6.77
C HIS A 771 -19.34 -4.90 7.76
N VAL A 772 -18.88 -4.99 9.00
CA VAL A 772 -19.27 -4.05 10.06
C VAL A 772 -18.84 -2.62 9.74
N LYS A 773 -17.66 -2.51 9.14
CA LYS A 773 -17.13 -1.23 8.69
C LYS A 773 -18.12 -0.58 7.73
N GLU A 774 -18.53 -1.34 6.72
CA GLU A 774 -19.52 -0.86 5.76
C GLU A 774 -20.85 -0.55 6.43
N ALA A 775 -21.27 -1.44 7.30
CA ALA A 775 -22.55 -1.31 7.99
C ALA A 775 -22.64 -0.02 8.82
N VAL A 776 -21.61 0.25 9.60
CA VAL A 776 -21.59 1.39 10.50
C VAL A 776 -21.46 2.72 9.73
N GLN A 777 -20.73 2.68 8.62
CA GLN A 777 -20.47 3.90 7.87
C GLN A 777 -21.59 4.18 6.87
N LEU A 778 -22.59 3.30 6.84
CA LEU A 778 -23.77 3.53 6.00
C LEU A 778 -24.99 3.84 6.86
N ARG A 779 -24.89 3.58 8.17
CA ARG A 779 -25.93 3.96 9.11
C ARG A 779 -25.60 5.33 9.71
N SER A 780 -24.67 6.04 9.05
CA SER A 780 -24.17 7.36 9.44
C SER A 780 -25.12 8.22 10.27
N ASP A 785 -21.22 9.38 16.76
CA ASP A 785 -20.16 9.26 15.75
C ASP A 785 -19.83 7.80 15.52
N PRO A 786 -19.53 7.44 14.26
CA PRO A 786 -19.42 6.02 13.92
C PRO A 786 -18.16 5.39 14.51
N ILE A 787 -17.21 6.20 14.98
CA ILE A 787 -15.99 5.69 15.60
C ILE A 787 -16.29 4.87 16.87
N VAL A 788 -17.09 5.46 17.74
CA VAL A 788 -17.40 4.82 19.03
C VAL A 788 -18.12 3.50 18.83
N GLU A 789 -19.13 3.52 17.96
CA GLU A 789 -19.93 2.35 17.68
C GLU A 789 -19.11 1.23 17.04
N PHE A 790 -18.23 1.60 16.12
CA PHE A 790 -17.35 0.62 15.48
C PHE A 790 -16.34 0.02 16.48
N LYS A 791 -15.78 0.88 17.33
CA LYS A 791 -14.83 0.43 18.35
C LYS A 791 -15.41 -0.69 19.21
N LYS A 792 -16.61 -0.47 19.74
CA LYS A 792 -17.18 -1.43 20.67
C LYS A 792 -17.57 -2.71 19.96
N GLU A 793 -17.96 -2.60 18.69
CA GLU A 793 -18.34 -3.78 17.95
C GLU A 793 -17.15 -4.65 17.58
N THR A 794 -16.02 -4.01 17.25
CA THR A 794 -14.81 -4.75 16.94
C THR A 794 -14.26 -5.44 18.17
N TYR A 795 -14.30 -4.76 19.32
CA TYR A 795 -13.90 -5.34 20.60
C TYR A 795 -14.63 -6.66 20.85
N TYR A 796 -15.95 -6.64 20.71
CA TYR A 796 -16.74 -7.86 20.89
C TYR A 796 -16.26 -8.98 19.96
N MET A 797 -16.13 -8.67 18.68
CA MET A 797 -15.75 -9.67 17.69
C MET A 797 -14.34 -10.19 17.94
N PHE A 798 -13.44 -9.26 18.29
CA PHE A 798 -12.03 -9.58 18.53
C PHE A 798 -11.90 -10.46 19.77
N ASP A 799 -12.64 -10.09 20.81
CA ASP A 799 -12.73 -10.88 22.04
C ASP A 799 -13.21 -12.31 21.73
N GLU A 800 -14.27 -12.42 20.93
CA GLU A 800 -14.80 -13.73 20.54
C GLU A 800 -13.76 -14.49 19.70
N MET A 801 -13.07 -13.77 18.81
CA MET A 801 -12.04 -14.42 18.01
C MET A 801 -11.01 -15.09 18.89
N MET A 802 -10.59 -14.40 19.95
CA MET A 802 -9.56 -14.94 20.83
C MET A 802 -10.10 -16.15 21.62
N ARG A 803 -11.36 -16.08 22.04
CA ARG A 803 -12.04 -17.22 22.67
C ARG A 803 -11.95 -18.45 21.78
N ARG A 804 -12.28 -18.24 20.51
CA ARG A 804 -12.29 -19.31 19.53
C ARG A 804 -10.91 -19.80 19.12
N ILE A 805 -9.96 -18.87 18.99
CA ILE A 805 -8.59 -19.28 18.72
C ILE A 805 -8.08 -20.21 19.85
N ASN A 806 -8.30 -19.80 21.09
CA ASN A 806 -7.79 -20.57 22.24
C ASN A 806 -8.48 -21.93 22.35
N ASP A 807 -9.81 -21.97 22.19
CA ASP A 807 -10.49 -23.26 22.21
C ASP A 807 -9.99 -24.16 21.07
N THR A 808 -9.81 -23.59 19.89
CA THR A 808 -9.39 -24.38 18.74
C THR A 808 -8.00 -24.96 18.91
N ILE A 809 -7.07 -24.14 19.40
CA ILE A 809 -5.71 -24.61 19.70
C ILE A 809 -5.74 -25.75 20.73
N ALA A 810 -6.42 -25.52 21.85
CA ALA A 810 -6.54 -26.51 22.94
C ALA A 810 -7.06 -27.83 22.37
N ASN A 811 -8.11 -27.75 21.57
CA ASN A 811 -8.72 -28.95 20.99
C ASN A 811 -7.80 -29.63 19.98
N TYR A 812 -7.18 -28.84 19.11
CA TYR A 812 -6.31 -29.41 18.07
C TYR A 812 -5.07 -30.07 18.67
N VAL A 813 -4.48 -29.47 19.71
CA VAL A 813 -3.23 -30.03 20.24
C VAL A 813 -3.51 -31.35 20.97
N LEU A 814 -4.73 -31.53 21.50
CA LEU A 814 -5.09 -32.80 22.11
C LEU A 814 -5.51 -33.91 21.12
N ARG A 815 -5.88 -33.52 19.91
CA ARG A 815 -6.41 -34.51 18.96
C ARG A 815 -5.36 -34.92 17.94
N VAL A 816 -4.42 -34.01 17.65
CA VAL A 816 -3.44 -34.23 16.60
C VAL A 816 -2.62 -35.51 16.84
N LEU A 817 -2.48 -36.32 15.78
CA LEU A 817 -1.61 -37.51 15.80
C LEU A 817 -2.01 -38.58 16.83
N GLU A 818 -3.26 -38.56 17.28
CA GLU A 818 -3.78 -39.58 18.17
C GLU A 818 -3.90 -40.92 17.41
N HIS A 819 -3.71 -42.05 18.11
CA HIS A 819 -3.86 -43.37 17.46
C HIS A 819 -5.32 -43.81 17.42
PB ADP B . 11.01 15.44 -11.22
O1B ADP B . 11.09 14.10 -10.57
O2B ADP B . 9.85 15.58 -12.14
O3B ADP B . 11.20 16.55 -10.23
PA ADP B . 13.29 14.46 -12.75
O1A ADP B . 14.13 13.91 -11.62
O2A ADP B . 12.56 13.52 -13.68
O3A ADP B . 12.29 15.59 -12.21
O5' ADP B . 14.23 15.42 -13.66
C5' ADP B . 13.65 16.22 -14.69
C4' ADP B . 14.71 16.55 -15.75
O4' ADP B . 15.75 17.37 -15.21
C3' ADP B . 15.41 15.29 -16.23
O3' ADP B . 15.55 15.41 -17.64
C2' ADP B . 16.77 15.33 -15.57
O2' ADP B . 17.74 14.70 -16.40
C1' ADP B . 17.03 16.81 -15.47
N9 ADP B . 17.89 17.29 -14.36
C8 ADP B . 17.52 17.19 -13.07
N7 ADP B . 18.46 17.73 -12.27
C5 ADP B . 19.42 18.24 -13.07
C6 ADP B . 20.70 18.95 -12.85
N6 ADP B . 21.08 19.26 -11.61
N1 ADP B . 21.44 19.29 -13.95
C2 ADP B . 21.01 18.99 -15.19
N3 ADP B . 19.87 18.33 -15.46
C4 ADP B . 19.05 17.94 -14.45
MG MG C . 10.06 12.30 -10.59
#